data_6YS0
#
_entry.id   6YS0
#
_cell.length_a   148.002
_cell.length_b   172.608
_cell.length_c   99.309
_cell.angle_alpha   90.000
_cell.angle_beta   90.000
_cell.angle_gamma   90.000
#
_symmetry.space_group_name_H-M   'C 2 2 21'
#
loop_
_entity.id
_entity.type
_entity.pdbx_description
1 polymer 'Probable transaldolase'
2 non-polymer 'FRUCTOSE -6-PHOSPHATE'
3 non-polymer GLYCEROL
4 non-polymer 'ACETATE ION'
5 water water
#
_entity_poly.entity_id   1
_entity_poly.type   'polypeptide(L)'
_entity_poly.pdbx_seq_one_letter_code
;MKIFLDTANIDEIRTGVNWGIVDGVTTNPTLISKEAVNGKKYGDIIREILKIVDGPVSVEVVSTKYEGMVEEARKIHGLG
DNAVVKIPMTEDGLRAIKTLSSEHINTNCTLVFNPIQALLAAKAGVTYVSPFVGRLDDIGEDGMQIIDMIRTIFNNYIIK
TQILVASIRNPIHVLRSAVIGADVVTVPFNVLKSLMKHPKTDEGLAKFLEAWKKVSPDGKLIL
;
_entity_poly.pdbx_strand_id   A,B,C,D,E
#
loop_
_chem_comp.id
_chem_comp.type
_chem_comp.name
_chem_comp.formula
ACT non-polymer 'ACETATE ION' 'C2 H3 O2 -1'
F6R non-polymer 'FRUCTOSE -6-PHOSPHATE' 'C6 H13 O9 P'
GOL non-polymer GLYCEROL 'C3 H8 O3'
#
# COMPACT_ATOMS: atom_id res chain seq x y z
N MET A 1 16.04 9.31 10.04
CA MET A 1 15.66 9.38 11.44
C MET A 1 16.69 10.34 12.05
N LYS A 2 16.23 11.35 12.80
CA LYS A 2 17.14 12.21 13.54
C LYS A 2 17.58 11.52 14.83
N ILE A 3 18.81 11.85 15.27
CA ILE A 3 19.38 11.27 16.47
C ILE A 3 19.80 12.40 17.39
N PHE A 4 19.16 12.48 18.57
CA PHE A 4 19.48 13.44 19.63
C PHE A 4 20.25 12.75 20.76
N LEU A 5 21.08 13.55 21.47
CA LEU A 5 21.71 13.08 22.69
C LEU A 5 20.89 13.42 23.93
N ASP A 6 20.69 12.43 24.80
CA ASP A 6 19.89 12.55 26.02
C ASP A 6 20.83 12.66 27.21
N THR A 7 21.32 13.88 27.46
CA THR A 7 22.27 14.12 28.54
C THR A 7 22.36 15.63 28.76
N ALA A 8 22.85 16.00 29.93
CA ALA A 8 23.22 17.37 30.27
C ALA A 8 24.73 17.49 30.48
N ASN A 9 25.46 16.41 30.22
CA ASN A 9 26.91 16.40 30.42
C ASN A 9 27.58 17.06 29.23
N ILE A 10 28.23 18.20 29.47
CA ILE A 10 28.75 18.98 28.36
C ILE A 10 29.87 18.26 27.63
N ASP A 11 30.66 17.42 28.32
CA ASP A 11 31.74 16.72 27.64
C ASP A 11 31.18 15.66 26.69
N GLU A 12 30.14 14.95 27.12
CA GLU A 12 29.48 14.03 26.20
C GLU A 12 28.94 14.79 24.99
N ILE A 13 28.27 15.91 25.24
CA ILE A 13 27.61 16.62 24.15
C ILE A 13 28.63 17.09 23.13
N ARG A 14 29.74 17.65 23.62
CA ARG A 14 30.78 18.15 22.74
C ARG A 14 31.42 17.02 21.94
N THR A 15 31.81 15.93 22.63
CA THR A 15 32.32 14.75 21.93
C THR A 15 31.39 14.25 20.82
N GLY A 16 30.09 14.09 21.11
CA GLY A 16 29.18 13.55 20.13
C GLY A 16 28.85 14.50 18.99
N VAL A 17 28.85 15.81 19.28
CA VAL A 17 28.73 16.80 18.21
C VAL A 17 30.00 16.80 17.35
N ASN A 18 31.15 16.60 17.99
CA ASN A 18 32.39 16.44 17.23
C ASN A 18 32.35 15.25 16.26
N TRP A 19 31.51 14.22 16.54
CA TRP A 19 31.37 13.11 15.60
C TRP A 19 30.51 13.45 14.40
N GLY A 20 29.69 14.50 14.50
CA GLY A 20 28.82 14.84 13.41
C GLY A 20 27.64 13.93 13.18
N ILE A 21 27.20 13.15 14.18
CA ILE A 21 26.03 12.28 14.07
C ILE A 21 24.92 12.68 15.03
N VAL A 22 25.08 13.78 15.76
CA VAL A 22 24.12 14.27 16.74
C VAL A 22 23.40 15.48 16.16
N ASP A 23 22.07 15.36 16.04
CA ASP A 23 21.20 16.36 15.45
C ASP A 23 20.54 17.27 16.49
N GLY A 24 20.71 16.98 17.79
CA GLY A 24 20.13 17.81 18.82
C GLY A 24 20.30 17.14 20.17
N VAL A 25 19.72 17.77 21.20
CA VAL A 25 19.90 17.30 22.56
C VAL A 25 18.58 17.36 23.30
N THR A 26 18.30 16.36 24.16
CA THR A 26 17.24 16.48 25.16
C THR A 26 17.81 16.47 26.58
N THR A 27 17.17 17.25 27.48
CA THR A 27 17.47 17.27 28.92
C THR A 27 16.18 17.11 29.71
N ASN A 28 16.31 16.92 31.02
CA ASN A 28 15.20 16.90 31.96
C ASN A 28 15.76 17.32 33.31
N PRO A 29 14.89 17.62 34.29
CA PRO A 29 15.42 18.13 35.58
C PRO A 29 16.39 17.18 36.28
N THR A 30 16.16 15.87 36.20
CA THR A 30 17.08 14.90 36.79
C THR A 30 18.45 14.96 36.13
N LEU A 31 18.50 14.98 34.78
CA LEU A 31 19.79 15.01 34.09
C LEU A 31 20.57 16.29 34.38
N ILE A 32 19.86 17.43 34.47
CA ILE A 32 20.55 18.68 34.71
C ILE A 32 21.10 18.73 36.12
N SER A 33 20.32 18.25 37.10
CA SER A 33 20.74 18.31 38.50
C SER A 33 21.87 17.34 38.80
N LYS A 34 22.12 16.36 37.91
CA LYS A 34 23.29 15.52 38.02
C LYS A 34 24.56 16.30 37.67
N GLU A 35 24.47 17.20 36.70
CA GLU A 35 25.63 18.01 36.33
C GLU A 35 25.69 19.34 37.06
N ALA A 36 24.63 19.74 37.77
CA ALA A 36 24.65 20.96 38.56
C ALA A 36 25.26 20.68 39.94
N VAL A 37 26.57 20.44 39.93
CA VAL A 37 27.32 20.09 41.13
C VAL A 37 28.61 20.90 41.16
N ASN A 38 29.26 20.87 42.33
CA ASN A 38 30.55 21.53 42.54
C ASN A 38 30.54 23.00 42.11
N GLY A 39 29.43 23.67 42.40
CA GLY A 39 29.31 25.08 42.13
C GLY A 39 28.86 25.44 40.73
N LYS A 40 28.54 24.46 39.91
CA LYS A 40 28.01 24.72 38.58
C LYS A 40 26.50 24.92 38.69
N LYS A 41 25.98 25.91 37.95
CA LYS A 41 24.58 26.31 38.04
C LYS A 41 23.80 25.82 36.83
N TYR A 42 22.50 25.56 37.03
CA TYR A 42 21.71 24.95 35.96
C TYR A 42 21.53 25.90 34.77
N GLY A 43 21.49 27.21 35.04
CA GLY A 43 21.35 28.18 33.96
C GLY A 43 22.55 28.21 33.03
N ASP A 44 23.76 28.10 33.59
CA ASP A 44 24.95 28.07 32.75
C ASP A 44 25.01 26.79 31.92
N ILE A 45 24.62 25.67 32.52
CA ILE A 45 24.62 24.40 31.80
C ILE A 45 23.71 24.51 30.58
N ILE A 46 22.49 25.02 30.76
CA ILE A 46 21.55 25.15 29.65
C ILE A 46 22.14 26.08 28.58
N ARG A 47 22.64 27.24 29.00
CA ARG A 47 23.16 28.20 28.03
C ARG A 47 24.34 27.62 27.27
N GLU A 48 25.15 26.78 27.91
CA GLU A 48 26.32 26.26 27.22
C GLU A 48 25.89 25.25 26.17
N ILE A 49 24.89 24.44 26.48
CA ILE A 49 24.42 23.44 25.52
C ILE A 49 23.83 24.14 24.30
N LEU A 50 22.95 25.12 24.55
CA LEU A 50 22.34 25.92 23.49
C LEU A 50 23.38 26.50 22.55
N LYS A 51 24.49 26.98 23.11
CA LYS A 51 25.56 27.54 22.30
C LYS A 51 26.25 26.49 21.43
N ILE A 52 26.46 25.29 21.98
CA ILE A 52 27.27 24.27 21.30
C ILE A 52 26.44 23.47 20.29
N VAL A 53 25.14 23.35 20.51
CA VAL A 53 24.30 22.46 19.68
C VAL A 53 23.61 23.33 18.64
N ASP A 54 23.86 23.05 17.36
CA ASP A 54 23.13 23.76 16.31
C ASP A 54 21.67 23.33 16.28
N GLY A 55 21.39 22.08 16.62
CA GLY A 55 20.07 21.53 16.47
C GLY A 55 19.10 21.93 17.56
N PRO A 56 17.93 21.31 17.56
CA PRO A 56 16.98 21.52 18.66
C PRO A 56 17.58 21.10 19.99
N VAL A 57 17.27 21.88 21.03
CA VAL A 57 17.66 21.60 22.40
C VAL A 57 16.41 21.68 23.29
N SER A 58 15.97 20.53 23.80
CA SER A 58 14.79 20.41 24.63
C SER A 58 15.14 20.68 26.11
N VAL A 59 14.41 21.64 26.73
CA VAL A 59 14.62 22.09 28.10
C VAL A 59 13.28 22.10 28.83
N GLU A 60 13.20 21.44 29.99
CA GLU A 60 11.92 21.16 30.66
C GLU A 60 11.51 22.28 31.61
N VAL A 61 10.24 22.64 31.58
CA VAL A 61 9.69 23.54 32.61
C VAL A 61 9.66 22.81 33.94
N VAL A 62 9.77 23.57 35.03
CA VAL A 62 9.60 22.98 36.35
C VAL A 62 8.29 23.39 37.02
N SER A 63 7.61 24.44 36.55
CA SER A 63 6.28 24.73 37.05
C SER A 63 5.31 23.61 36.70
N THR A 64 4.29 23.43 37.55
CA THR A 64 3.21 22.49 37.25
C THR A 64 1.90 23.16 36.85
N LYS A 65 1.77 24.48 37.03
CA LYS A 65 0.55 25.19 36.66
C LYS A 65 0.71 25.89 35.31
N TYR A 66 -0.41 26.00 34.60
CA TYR A 66 -0.45 26.64 33.28
C TYR A 66 0.30 27.97 33.23
N GLU A 67 0.00 28.90 34.14
CA GLU A 67 0.59 30.23 33.97
C GLU A 67 2.09 30.20 34.24
N GLY A 68 2.54 29.41 35.22
CA GLY A 68 3.97 29.25 35.42
C GLY A 68 4.66 28.56 34.26
N MET A 69 3.98 27.57 33.66
CA MET A 69 4.54 26.85 32.52
C MET A 69 4.77 27.78 31.35
N VAL A 70 3.78 28.64 31.07
CA VAL A 70 3.84 29.52 29.92
C VAL A 70 4.89 30.61 30.12
N GLU A 71 4.98 31.15 31.33
CA GLU A 71 6.00 32.17 31.60
C GLU A 71 7.40 31.60 31.49
N GLU A 72 7.61 30.39 32.04
CA GLU A 72 8.91 29.72 31.91
C GLU A 72 9.24 29.46 30.46
N ALA A 73 8.27 29.00 29.69
CA ALA A 73 8.50 28.62 28.30
C ALA A 73 9.03 29.79 27.50
N ARG A 74 8.40 30.96 27.67
CA ARG A 74 8.84 32.15 26.97
C ARG A 74 10.27 32.53 27.34
N LYS A 75 10.61 32.39 28.63
CA LYS A 75 11.98 32.64 29.07
C LYS A 75 12.95 31.61 28.48
N ILE A 76 12.52 30.34 28.39
CA ILE A 76 13.37 29.34 27.74
C ILE A 76 13.54 29.69 26.27
N HIS A 77 12.44 30.04 25.61
CA HIS A 77 12.47 30.44 24.20
C HIS A 77 13.43 31.62 23.97
N GLY A 78 13.49 32.55 24.92
CA GLY A 78 14.35 33.71 24.76
C GLY A 78 15.83 33.41 24.87
N LEU A 79 16.20 32.20 25.31
CA LEU A 79 17.60 31.85 25.40
C LEU A 79 18.22 31.52 24.05
N GLY A 80 17.41 31.14 23.06
CA GLY A 80 17.92 30.88 21.73
C GLY A 80 16.86 30.27 20.83
N ASP A 81 16.96 30.50 19.52
CA ASP A 81 15.92 30.00 18.63
C ASP A 81 15.89 28.48 18.56
N ASN A 82 16.98 27.79 18.91
CA ASN A 82 16.98 26.33 18.87
C ASN A 82 16.45 25.69 20.16
N ALA A 83 16.01 26.47 21.13
CA ALA A 83 15.40 25.91 22.32
C ALA A 83 14.00 25.38 22.02
N VAL A 84 13.69 24.21 22.59
CA VAL A 84 12.38 23.57 22.53
C VAL A 84 11.89 23.40 23.96
N VAL A 85 10.65 23.79 24.25
CA VAL A 85 10.17 23.79 25.62
C VAL A 85 9.54 22.43 25.91
N LYS A 86 10.10 21.71 26.88
CA LYS A 86 9.62 20.38 27.22
C LYS A 86 8.55 20.51 28.30
N ILE A 87 7.39 19.91 28.04
CA ILE A 87 6.21 20.14 28.87
C ILE A 87 5.56 18.80 29.15
N PRO A 88 5.16 18.51 30.38
CA PRO A 88 4.61 17.19 30.69
C PRO A 88 3.17 17.01 30.24
N MET A 89 2.81 15.73 30.03
CA MET A 89 1.47 15.34 29.63
C MET A 89 0.51 15.45 30.83
N THR A 90 -0.03 16.65 31.02
CA THR A 90 -1.01 16.95 32.06
C THR A 90 -2.01 17.94 31.48
N GLU A 91 -3.15 18.08 32.15
N GLU A 91 -3.13 18.08 32.17
CA GLU A 91 -4.15 19.05 31.72
CA GLU A 91 -4.16 19.04 31.75
C GLU A 91 -3.51 20.42 31.54
C GLU A 91 -3.57 20.43 31.58
N ASP A 92 -2.79 20.89 32.57
CA ASP A 92 -2.14 22.19 32.44
C ASP A 92 -1.13 22.21 31.30
N GLY A 93 -0.39 21.10 31.11
CA GLY A 93 0.62 21.06 30.07
C GLY A 93 0.03 21.13 28.67
N LEU A 94 -1.09 20.42 28.42
CA LEU A 94 -1.75 20.53 27.13
C LEU A 94 -2.21 21.95 26.87
N ARG A 95 -2.82 22.59 27.86
CA ARG A 95 -3.19 23.99 27.74
C ARG A 95 -1.98 24.86 27.41
N ALA A 96 -0.86 24.63 28.09
CA ALA A 96 0.34 25.42 27.80
C ALA A 96 0.84 25.17 26.39
N ILE A 97 0.80 23.92 25.93
CA ILE A 97 1.25 23.64 24.57
C ILE A 97 0.40 24.37 23.55
N LYS A 98 -0.93 24.39 23.77
CA LYS A 98 -1.81 25.05 22.82
C LYS A 98 -1.49 26.54 22.75
N THR A 99 -1.26 27.16 23.90
CA THR A 99 -0.90 28.57 23.90
C THR A 99 0.43 28.79 23.19
N LEU A 100 1.43 27.99 23.54
CA LEU A 100 2.76 28.24 23.01
C LEU A 100 2.80 28.00 21.50
N SER A 101 2.08 27.00 21.01
N SER A 101 2.08 26.98 21.02
CA SER A 101 2.08 26.75 19.57
CA SER A 101 2.04 26.73 19.58
C SER A 101 1.52 27.95 18.81
C SER A 101 1.52 27.94 18.83
N SER A 102 0.47 28.58 19.36
CA SER A 102 -0.07 29.78 18.72
C SER A 102 0.93 30.93 18.74
N GLU A 103 1.86 30.94 19.72
CA GLU A 103 2.93 31.91 19.80
C GLU A 103 4.17 31.51 18.99
N HIS A 104 4.08 30.44 18.21
CA HIS A 104 5.20 29.93 17.40
C HIS A 104 6.42 29.60 18.24
N ILE A 105 6.19 28.98 19.39
CA ILE A 105 7.23 28.48 20.28
C ILE A 105 7.20 26.96 20.18
N ASN A 106 8.34 26.35 19.83
CA ASN A 106 8.38 24.89 19.64
C ASN A 106 8.34 24.17 20.98
N THR A 107 7.65 23.02 21.01
CA THR A 107 7.33 22.30 22.22
C THR A 107 7.63 20.80 22.07
N ASN A 108 7.86 20.16 23.21
CA ASN A 108 8.09 18.73 23.27
C ASN A 108 7.30 18.19 24.45
N CYS A 109 6.27 17.36 24.20
CA CYS A 109 5.44 16.84 25.28
C CYS A 109 6.09 15.58 25.83
N THR A 110 6.36 15.55 27.14
CA THR A 110 7.12 14.45 27.72
C THR A 110 6.24 13.64 28.70
N LEU A 111 6.82 12.57 29.24
CA LEU A 111 6.12 11.65 30.16
C LEU A 111 4.86 11.05 29.54
N VAL A 112 5.01 10.61 28.30
CA VAL A 112 3.94 9.95 27.54
C VAL A 112 4.17 8.44 27.58
N PHE A 113 3.12 7.70 27.90
CA PHE A 113 3.25 6.26 28.13
C PHE A 113 2.24 5.42 27.36
N ASN A 114 1.33 6.02 26.59
CA ASN A 114 0.47 5.21 25.76
C ASN A 114 0.13 6.02 24.52
N PRO A 115 -0.52 5.41 23.52
CA PRO A 115 -0.67 6.14 22.25
C PRO A 115 -1.72 7.20 22.35
N ILE A 116 -2.73 7.06 23.21
CA ILE A 116 -3.75 8.11 23.22
C ILE A 116 -3.24 9.36 23.90
N GLN A 117 -2.37 9.23 24.92
CA GLN A 117 -1.72 10.45 25.41
C GLN A 117 -0.95 11.13 24.29
N ALA A 118 -0.25 10.36 23.45
CA ALA A 118 0.50 10.96 22.36
C ALA A 118 -0.42 11.70 21.39
N LEU A 119 -1.57 11.09 21.05
CA LEU A 119 -2.58 11.74 20.20
C LEU A 119 -3.08 13.06 20.81
N LEU A 120 -3.38 13.07 22.13
CA LEU A 120 -3.81 14.31 22.77
C LEU A 120 -2.75 15.39 22.66
N ALA A 121 -1.47 15.02 22.79
CA ALA A 121 -0.42 16.04 22.66
C ALA A 121 -0.36 16.58 21.25
N ALA A 122 -0.51 15.71 20.25
CA ALA A 122 -0.50 16.17 18.86
C ALA A 122 -1.70 17.08 18.58
N LYS A 123 -2.87 16.75 19.15
CA LYS A 123 -4.03 17.62 18.92
C LYS A 123 -3.88 18.97 19.59
N ALA A 124 -3.02 19.05 20.61
CA ALA A 124 -2.72 20.35 21.21
C ALA A 124 -1.73 21.16 20.40
N GLY A 125 -1.14 20.58 19.34
CA GLY A 125 -0.22 21.27 18.48
C GLY A 125 1.26 21.09 18.79
N VAL A 126 1.61 20.09 19.60
CA VAL A 126 2.98 19.94 20.06
C VAL A 126 3.92 19.64 18.89
N THR A 127 5.17 20.14 18.99
CA THR A 127 6.16 19.94 17.91
C THR A 127 6.70 18.50 17.95
N TYR A 128 6.99 18.01 19.14
CA TYR A 128 7.49 16.65 19.35
C TYR A 128 6.72 16.02 20.49
N VAL A 129 6.51 14.70 20.41
CA VAL A 129 5.98 13.96 21.54
C VAL A 129 7.00 12.89 21.91
N SER A 130 7.24 12.70 23.22
CA SER A 130 8.27 11.79 23.72
C SER A 130 7.68 10.66 24.55
N PRO A 131 7.32 9.53 23.91
CA PRO A 131 6.98 8.31 24.66
C PRO A 131 8.23 7.66 25.24
N PHE A 132 8.09 7.10 26.45
CA PHE A 132 9.21 6.61 27.24
C PHE A 132 9.29 5.08 27.13
N VAL A 133 10.13 4.56 26.24
CA VAL A 133 10.05 3.13 26.03
C VAL A 133 10.69 2.36 27.18
N GLY A 134 11.82 2.86 27.70
CA GLY A 134 12.54 2.11 28.71
C GLY A 134 11.76 2.01 30.01
N ARG A 135 11.01 3.07 30.36
CA ARG A 135 10.24 2.99 31.59
C ARG A 135 9.07 2.02 31.44
N LEU A 136 8.55 1.84 30.22
CA LEU A 136 7.56 0.81 29.98
C LEU A 136 8.19 -0.59 30.09
N ASP A 137 9.36 -0.80 29.46
CA ASP A 137 10.10 -2.06 29.66
C ASP A 137 10.26 -2.38 31.16
N ASP A 138 10.60 -1.35 31.98
CA ASP A 138 10.80 -1.53 33.42
C ASP A 138 9.58 -2.18 34.08
N ILE A 139 8.38 -1.86 33.63
CA ILE A 139 7.18 -2.39 34.27
C ILE A 139 6.60 -3.55 33.47
N GLY A 140 7.38 -4.15 32.59
CA GLY A 140 6.99 -5.41 32.01
C GLY A 140 6.12 -5.34 30.78
N GLU A 141 6.06 -4.20 30.09
N GLU A 141 6.05 -4.19 30.11
CA GLU A 141 5.42 -4.13 28.79
CA GLU A 141 5.42 -4.05 28.80
C GLU A 141 6.43 -3.64 27.75
C GLU A 141 6.47 -3.68 27.77
N ASP A 142 6.40 -4.27 26.58
CA ASP A 142 7.37 -3.91 25.55
C ASP A 142 7.08 -2.49 25.06
N GLY A 143 7.94 -1.53 25.45
CA GLY A 143 7.68 -0.14 25.13
C GLY A 143 7.65 0.16 23.65
N MET A 144 8.35 -0.62 22.84
CA MET A 144 8.40 -0.29 21.43
C MET A 144 7.05 -0.51 20.76
N GLN A 145 6.18 -1.36 21.34
CA GLN A 145 4.82 -1.50 20.77
C GLN A 145 4.05 -0.20 20.77
N ILE A 146 4.30 0.63 21.78
N ILE A 146 4.27 0.66 21.78
CA ILE A 146 3.60 1.90 21.88
CA ILE A 146 3.51 1.90 21.78
C ILE A 146 4.07 2.82 20.77
C ILE A 146 4.05 2.84 20.72
N ILE A 147 5.35 2.78 20.43
CA ILE A 147 5.88 3.57 19.32
C ILE A 147 5.23 3.15 18.01
N ASP A 148 5.16 1.83 17.79
CA ASP A 148 4.54 1.33 16.57
C ASP A 148 3.08 1.81 16.45
N MET A 149 2.30 1.73 17.55
CA MET A 149 0.93 2.26 17.48
C MET A 149 0.90 3.77 17.21
N ILE A 150 1.78 4.54 17.84
CA ILE A 150 1.74 5.99 17.59
C ILE A 150 2.09 6.29 16.15
N ARG A 151 3.05 5.56 15.58
CA ARG A 151 3.37 5.80 14.16
C ARG A 151 2.15 5.55 13.27
N THR A 152 1.45 4.43 13.51
CA THR A 152 0.23 4.15 12.72
C THR A 152 -0.82 5.25 12.90
N ILE A 153 -1.09 5.64 14.14
CA ILE A 153 -2.10 6.68 14.39
C ILE A 153 -1.72 7.98 13.70
N PHE A 154 -0.46 8.40 13.86
CA PHE A 154 -0.06 9.65 13.22
C PHE A 154 -0.12 9.53 11.71
N ASN A 155 0.23 8.36 11.15
CA ASN A 155 0.09 8.22 9.69
C ASN A 155 -1.37 8.33 9.27
N ASN A 156 -2.28 7.75 10.06
CA ASN A 156 -3.70 7.74 9.72
C ASN A 156 -4.23 9.16 9.53
N TYR A 157 -3.80 10.08 10.40
CA TYR A 157 -4.38 11.41 10.44
C TYR A 157 -3.43 12.45 9.89
N ILE A 158 -2.34 12.01 9.27
CA ILE A 158 -1.38 12.91 8.63
C ILE A 158 -0.91 13.90 9.68
N ILE A 159 -0.58 13.41 10.87
CA ILE A 159 -0.14 14.27 11.96
C ILE A 159 1.31 14.69 11.76
N LYS A 160 1.58 15.99 11.97
CA LYS A 160 2.90 16.55 11.73
C LYS A 160 3.78 16.58 12.98
N THR A 161 3.19 16.35 14.14
CA THR A 161 3.99 16.16 15.35
C THR A 161 5.01 15.06 15.12
N GLN A 162 6.26 15.31 15.49
CA GLN A 162 7.31 14.33 15.35
C GLN A 162 7.34 13.38 16.56
N ILE A 163 7.53 12.08 16.28
CA ILE A 163 7.67 11.10 17.35
C ILE A 163 9.13 11.10 17.77
N LEU A 164 9.38 11.38 19.03
CA LEU A 164 10.74 11.51 19.57
C LEU A 164 10.83 10.41 20.62
N VAL A 165 11.40 9.26 20.24
CA VAL A 165 11.47 8.14 21.18
C VAL A 165 12.47 8.48 22.29
N ALA A 166 12.04 8.34 23.54
CA ALA A 166 12.84 8.73 24.69
C ALA A 166 12.95 7.55 25.66
N SER A 167 13.72 7.74 26.74
CA SER A 167 13.96 6.68 27.70
C SER A 167 14.56 5.47 26.98
N ILE A 168 15.55 5.75 26.12
CA ILE A 168 16.17 4.69 25.33
C ILE A 168 17.29 4.07 26.12
N ARG A 169 17.35 2.74 26.09
CA ARG A 169 18.29 2.00 26.93
C ARG A 169 19.27 1.14 26.19
N ASN A 170 19.03 0.81 24.92
CA ASN A 170 19.94 -0.12 24.23
C ASN A 170 19.79 0.12 22.73
N PRO A 171 20.69 -0.44 21.92
CA PRO A 171 20.65 -0.18 20.47
C PRO A 171 19.49 -0.80 19.74
N ILE A 172 18.77 -1.72 20.37
CA ILE A 172 17.63 -2.37 19.70
C ILE A 172 16.41 -1.47 19.81
N HIS A 173 16.29 -0.69 20.89
CA HIS A 173 15.32 0.41 20.88
C HIS A 173 15.55 1.31 19.68
N VAL A 174 16.82 1.55 19.34
CA VAL A 174 17.13 2.42 18.20
C VAL A 174 16.81 1.74 16.89
N LEU A 175 17.26 0.49 16.71
CA LEU A 175 16.95 -0.24 15.50
C LEU A 175 15.43 -0.34 15.27
N ARG A 176 14.69 -0.73 16.30
CA ARG A 176 13.24 -0.91 16.13
C ARG A 176 12.57 0.42 15.85
N SER A 177 13.08 1.51 16.43
CA SER A 177 12.52 2.83 16.11
C SER A 177 12.70 3.15 14.65
N ALA A 178 13.87 2.79 14.08
CA ALA A 178 14.11 3.12 12.67
C ALA A 178 13.25 2.28 11.76
N VAL A 179 13.06 0.99 12.10
CA VAL A 179 12.24 0.14 11.27
C VAL A 179 10.78 0.58 11.33
N ILE A 180 10.32 0.99 12.51
CA ILE A 180 8.95 1.51 12.65
C ILE A 180 8.79 2.79 11.84
N GLY A 181 9.81 3.66 11.91
CA GLY A 181 9.75 4.95 11.24
C GLY A 181 9.56 6.14 12.16
N ALA A 182 9.94 6.05 13.41
CA ALA A 182 9.91 7.18 14.32
C ALA A 182 10.75 8.33 13.77
N ASP A 183 10.31 9.56 14.00
CA ASP A 183 11.03 10.71 13.45
C ASP A 183 12.38 10.94 14.12
N VAL A 184 12.49 10.71 15.42
CA VAL A 184 13.67 11.08 16.21
C VAL A 184 13.83 10.04 17.29
N VAL A 185 15.06 9.74 17.64
CA VAL A 185 15.39 9.01 18.87
C VAL A 185 16.32 9.91 19.65
N THR A 186 16.19 9.89 20.98
CA THR A 186 17.16 10.56 21.84
C THR A 186 17.82 9.50 22.73
N VAL A 187 19.15 9.50 22.74
CA VAL A 187 19.87 8.34 23.27
C VAL A 187 20.90 8.80 24.29
N PRO A 188 21.13 8.05 25.36
CA PRO A 188 22.27 8.34 26.23
C PRO A 188 23.61 8.17 25.49
N PHE A 189 24.66 8.79 26.05
CA PHE A 189 25.94 8.82 25.35
C PHE A 189 26.54 7.43 25.16
N ASN A 190 26.41 6.55 26.16
N ASN A 190 26.40 6.57 26.17
CA ASN A 190 26.96 5.21 26.00
CA ASN A 190 26.90 5.19 26.04
C ASN A 190 26.22 4.41 24.91
C ASN A 190 26.25 4.48 24.86
N VAL A 191 24.95 4.70 24.66
CA VAL A 191 24.25 4.05 23.54
C VAL A 191 24.72 4.63 22.21
N LEU A 192 24.80 5.95 22.11
CA LEU A 192 25.29 6.61 20.91
C LEU A 192 26.61 6.02 20.42
N LYS A 193 27.59 5.90 21.32
CA LYS A 193 28.90 5.43 20.88
C LYS A 193 28.80 4.01 20.33
N SER A 194 28.02 3.16 20.99
CA SER A 194 27.93 1.77 20.57
C SER A 194 27.33 1.63 19.18
N LEU A 195 26.55 2.62 18.73
CA LEU A 195 25.83 2.48 17.47
C LEU A 195 26.76 2.37 16.27
N MET A 196 27.95 2.98 16.34
CA MET A 196 28.89 2.88 15.24
C MET A 196 29.64 1.55 15.20
N LYS A 197 29.59 0.75 16.27
CA LYS A 197 30.56 -0.31 16.46
C LYS A 197 30.00 -1.69 16.11
N HIS A 198 30.89 -2.56 15.63
CA HIS A 198 30.50 -3.95 15.39
C HIS A 198 31.80 -4.76 15.36
N PRO A 199 31.83 -5.95 15.99
CA PRO A 199 33.08 -6.73 15.98
C PRO A 199 33.56 -7.12 14.60
N LYS A 200 32.69 -7.28 13.61
CA LYS A 200 33.17 -7.63 12.29
C LYS A 200 33.78 -6.42 11.58
N THR A 201 33.31 -5.22 11.92
CA THR A 201 33.98 -4.03 11.42
C THR A 201 35.43 -4.04 11.90
N ASP A 202 35.63 -4.26 13.20
CA ASP A 202 36.99 -4.22 13.74
C ASP A 202 37.85 -5.31 13.13
N GLU A 203 37.31 -6.52 13.03
CA GLU A 203 38.07 -7.63 12.46
C GLU A 203 38.42 -7.35 11.00
N GLY A 204 37.46 -6.79 10.23
CA GLY A 204 37.73 -6.47 8.85
C GLY A 204 38.80 -5.40 8.69
N LEU A 205 38.81 -4.40 9.58
CA LEU A 205 39.85 -3.38 9.52
C LEU A 205 41.22 -4.01 9.74
N ALA A 206 41.28 -5.02 10.60
CA ALA A 206 42.58 -5.64 10.86
C ALA A 206 43.06 -6.47 9.67
N LYS A 207 42.14 -7.19 9.01
CA LYS A 207 42.54 -8.01 7.87
C LYS A 207 42.94 -7.15 6.67
N PHE A 208 42.26 -6.02 6.48
CA PHE A 208 42.60 -5.12 5.38
C PHE A 208 43.93 -4.44 5.61
N LEU A 209 44.22 -4.05 6.85
CA LEU A 209 45.54 -3.52 7.17
C LEU A 209 46.62 -4.56 6.93
N GLU A 210 46.38 -5.80 7.38
CA GLU A 210 47.37 -6.86 7.21
C GLU A 210 47.63 -7.15 5.74
N ALA A 211 46.57 -7.20 4.93
CA ALA A 211 46.75 -7.45 3.50
C ALA A 211 47.38 -6.26 2.80
N TRP A 212 47.15 -5.06 3.32
CA TRP A 212 47.71 -3.87 2.72
C TRP A 212 49.23 -3.85 2.86
N LYS A 213 49.74 -4.27 4.02
CA LYS A 213 51.18 -4.30 4.25
C LYS A 213 51.90 -5.31 3.36
N LYS A 214 51.17 -6.27 2.80
CA LYS A 214 51.77 -7.21 1.85
C LYS A 214 52.34 -6.48 0.64
N VAL A 215 51.59 -5.52 0.09
CA VAL A 215 51.98 -4.84 -1.13
C VAL A 215 52.56 -3.46 -0.89
N SER A 216 52.62 -3.02 0.37
CA SER A 216 53.18 -1.70 0.70
C SER A 216 53.64 -1.74 2.14
N PRO A 217 54.94 -1.99 2.38
CA PRO A 217 55.54 -1.94 3.72
C PRO A 217 55.49 -0.55 4.33
N MET B 1 -7.82 12.45 14.72
CA MET B 1 -9.10 11.97 15.22
C MET B 1 -9.72 13.07 16.11
N LYS B 2 -10.98 13.45 15.84
CA LYS B 2 -11.67 14.39 16.74
C LYS B 2 -12.24 13.66 17.93
N ILE B 3 -12.31 14.33 19.07
CA ILE B 3 -12.86 13.74 20.28
C ILE B 3 -14.09 14.54 20.73
N PHE B 4 -15.26 13.88 20.71
CA PHE B 4 -16.49 14.49 21.21
C PHE B 4 -16.85 13.96 22.60
N LEU B 5 -17.61 14.76 23.34
CA LEU B 5 -18.14 14.35 24.65
C LEU B 5 -19.60 13.88 24.49
N ASP B 6 -19.90 12.69 25.02
CA ASP B 6 -21.21 12.06 24.84
C ASP B 6 -22.04 12.22 26.12
N THR B 7 -22.69 13.37 26.24
CA THR B 7 -23.42 13.67 27.46
C THR B 7 -24.33 14.87 27.18
N ALA B 8 -25.35 15.05 28.03
CA ALA B 8 -26.09 16.31 28.06
C ALA B 8 -25.87 17.05 29.36
N ASN B 9 -24.95 16.57 30.20
CA ASN B 9 -24.70 17.19 31.50
C ASN B 9 -23.90 18.46 31.30
N ILE B 10 -24.51 19.63 31.58
CA ILE B 10 -23.81 20.89 31.31
C ILE B 10 -22.53 21.02 32.12
N ASP B 11 -22.53 20.51 33.36
CA ASP B 11 -21.31 20.65 34.16
C ASP B 11 -20.16 19.85 33.55
N GLU B 12 -20.43 18.62 33.10
CA GLU B 12 -19.39 17.85 32.43
C GLU B 12 -18.89 18.57 31.18
N ILE B 13 -19.82 19.14 30.41
CA ILE B 13 -19.43 19.75 29.14
C ILE B 13 -18.56 20.98 29.41
N ARG B 14 -18.97 21.82 30.36
CA ARG B 14 -18.14 22.97 30.76
C ARG B 14 -16.75 22.53 31.17
N THR B 15 -16.66 21.54 32.06
CA THR B 15 -15.35 21.07 32.54
C THR B 15 -14.49 20.56 31.38
N GLY B 16 -15.05 19.68 30.53
CA GLY B 16 -14.29 19.13 29.42
C GLY B 16 -13.85 20.18 28.41
N VAL B 17 -14.72 21.14 28.11
CA VAL B 17 -14.35 22.23 27.21
C VAL B 17 -13.20 23.05 27.81
N ASN B 18 -13.24 23.35 29.11
CA ASN B 18 -12.16 24.12 29.73
C ASN B 18 -10.81 23.38 29.69
N TRP B 19 -10.83 22.04 29.66
CA TRP B 19 -9.59 21.29 29.49
C TRP B 19 -9.00 21.42 28.09
N GLY B 20 -9.78 21.88 27.12
CA GLY B 20 -9.26 22.07 25.79
C GLY B 20 -9.24 20.85 24.90
N ILE B 21 -9.74 19.69 25.36
CA ILE B 21 -9.61 18.46 24.59
C ILE B 21 -10.95 18.01 24.00
N VAL B 22 -12.00 18.84 24.08
CA VAL B 22 -13.33 18.44 23.60
C VAL B 22 -13.61 19.21 22.32
N ASP B 23 -13.90 18.46 21.24
CA ASP B 23 -14.07 19.02 19.90
C ASP B 23 -15.52 19.14 19.50
N GLY B 24 -16.44 18.58 20.30
CA GLY B 24 -17.84 18.59 19.97
C GLY B 24 -18.57 17.75 21.00
N VAL B 25 -19.89 17.67 20.85
CA VAL B 25 -20.74 16.97 21.80
C VAL B 25 -21.76 16.17 21.03
N THR B 26 -22.08 14.97 21.54
CA THR B 26 -23.24 14.22 21.08
C THR B 26 -24.21 14.03 22.23
N THR B 27 -25.50 14.12 21.91
CA THR B 27 -26.57 13.84 22.84
C THR B 27 -27.53 12.84 22.19
N ASN B 28 -28.46 12.35 22.99
CA ASN B 28 -29.55 11.50 22.50
C ASN B 28 -30.71 11.69 23.46
N PRO B 29 -31.91 11.15 23.13
CA PRO B 29 -33.06 11.46 23.99
C PRO B 29 -32.92 10.97 25.42
N THR B 30 -32.28 9.80 25.64
CA THR B 30 -32.07 9.35 27.01
C THR B 30 -31.14 10.31 27.76
N LEU B 31 -30.01 10.69 27.12
CA LEU B 31 -29.08 11.61 27.79
C LEU B 31 -29.75 12.92 28.15
N ILE B 32 -30.56 13.47 27.26
CA ILE B 32 -31.22 14.73 27.59
C ILE B 32 -32.25 14.51 28.68
N SER B 33 -33.06 13.45 28.59
CA SER B 33 -34.12 13.30 29.58
C SER B 33 -33.54 13.11 30.98
N LYS B 34 -32.30 12.62 31.09
CA LYS B 34 -31.65 12.49 32.39
C LYS B 34 -31.39 13.86 33.03
N GLU B 35 -31.01 14.87 32.22
CA GLU B 35 -30.76 16.20 32.76
C GLU B 35 -32.03 17.03 32.93
N ALA B 36 -33.04 16.80 32.09
CA ALA B 36 -34.24 17.65 32.05
C ALA B 36 -35.18 17.22 33.17
N VAL B 37 -34.75 17.53 34.40
CA VAL B 37 -35.45 17.08 35.59
C VAL B 37 -35.46 18.23 36.60
N ASN B 38 -36.42 18.15 37.53
CA ASN B 38 -36.52 19.11 38.62
C ASN B 38 -36.60 20.55 38.09
N GLY B 39 -37.48 20.75 37.11
CA GLY B 39 -37.71 22.04 36.53
C GLY B 39 -36.98 22.30 35.23
N LYS B 40 -35.84 21.65 35.02
CA LYS B 40 -35.02 21.92 33.83
C LYS B 40 -35.75 21.45 32.58
N LYS B 41 -35.77 22.31 31.56
CA LYS B 41 -36.49 22.04 30.32
C LYS B 41 -35.53 21.58 29.22
N TYR B 42 -35.97 20.61 28.41
CA TYR B 42 -35.08 20.07 27.38
C TYR B 42 -34.69 21.12 26.34
N GLY B 43 -35.59 22.05 25.99
CA GLY B 43 -35.21 23.11 25.08
C GLY B 43 -34.06 23.96 25.60
N ASP B 44 -34.07 24.27 26.89
CA ASP B 44 -33.02 25.09 27.47
C ASP B 44 -31.69 24.35 27.52
N ILE B 45 -31.73 23.06 27.83
CA ILE B 45 -30.52 22.24 27.86
C ILE B 45 -29.84 22.24 26.50
N ILE B 46 -30.60 21.96 25.44
CA ILE B 46 -30.05 21.98 24.08
C ILE B 46 -29.46 23.34 23.75
N ARG B 47 -30.22 24.42 23.99
CA ARG B 47 -29.71 25.74 23.65
C ARG B 47 -28.43 26.07 24.42
N GLU B 48 -28.38 25.71 25.71
CA GLU B 48 -27.18 25.99 26.50
C GLU B 48 -25.96 25.24 25.94
N ILE B 49 -26.14 24.00 25.48
CA ILE B 49 -24.99 23.26 24.96
C ILE B 49 -24.50 23.91 23.67
N LEU B 50 -25.45 24.32 22.82
CA LEU B 50 -25.06 24.91 21.54
C LEU B 50 -24.23 26.17 21.75
N LYS B 51 -24.54 26.95 22.79
CA LYS B 51 -23.81 28.18 23.09
C LYS B 51 -22.41 27.88 23.64
N ILE B 52 -22.29 26.85 24.48
CA ILE B 52 -21.04 26.57 25.18
C ILE B 52 -20.01 25.95 24.26
N VAL B 53 -20.45 25.06 23.38
CA VAL B 53 -19.57 24.24 22.56
C VAL B 53 -19.34 24.94 21.23
N ASP B 54 -18.06 25.15 20.89
CA ASP B 54 -17.78 25.74 19.58
C ASP B 54 -18.02 24.74 18.47
N GLY B 55 -17.69 23.47 18.72
CA GLY B 55 -17.71 22.43 17.70
C GLY B 55 -19.10 21.87 17.45
N PRO B 56 -19.17 20.80 16.66
CA PRO B 56 -20.47 20.20 16.33
C PRO B 56 -21.20 19.75 17.59
N VAL B 57 -22.53 19.87 17.57
CA VAL B 57 -23.38 19.37 18.65
C VAL B 57 -24.51 18.58 18.02
N SER B 58 -24.56 17.28 18.32
N SER B 58 -24.59 17.30 18.34
CA SER B 58 -25.58 16.41 17.75
CA SER B 58 -25.56 16.40 17.71
C SER B 58 -26.81 16.33 18.64
C SER B 58 -26.78 16.23 18.59
N VAL B 59 -27.97 16.51 18.02
CA VAL B 59 -29.25 16.50 18.71
C VAL B 59 -30.20 15.64 17.89
N GLU B 60 -30.84 14.67 18.53
CA GLU B 60 -31.60 13.65 17.84
C GLU B 60 -33.07 14.07 17.65
N VAL B 61 -33.60 13.84 16.45
CA VAL B 61 -35.04 13.97 16.27
C VAL B 61 -35.76 12.89 17.07
N VAL B 62 -37.02 13.15 17.41
CA VAL B 62 -37.83 12.14 18.08
C VAL B 62 -38.92 11.59 17.21
N SER B 63 -39.33 12.30 16.16
CA SER B 63 -40.29 11.74 15.21
C SER B 63 -39.75 10.48 14.56
N THR B 64 -40.66 9.59 14.18
CA THR B 64 -40.29 8.39 13.44
C THR B 64 -40.68 8.46 11.97
N LYS B 65 -41.45 9.47 11.55
CA LYS B 65 -41.85 9.57 10.16
C LYS B 65 -41.03 10.62 9.45
N TYR B 66 -40.83 10.39 8.14
CA TYR B 66 -40.10 11.31 7.27
C TYR B 66 -40.48 12.77 7.50
N GLU B 67 -41.78 13.10 7.34
CA GLU B 67 -42.16 14.52 7.41
C GLU B 67 -41.83 15.12 8.78
N GLY B 68 -42.10 14.37 9.86
CA GLY B 68 -41.82 14.87 11.19
C GLY B 68 -40.33 15.02 11.47
N MET B 69 -39.51 14.10 10.93
CA MET B 69 -38.06 14.20 11.11
C MET B 69 -37.51 15.44 10.42
N VAL B 70 -37.95 15.70 9.18
CA VAL B 70 -37.41 16.84 8.45
C VAL B 70 -37.84 18.15 9.11
N GLU B 71 -39.09 18.21 9.59
CA GLU B 71 -39.56 19.40 10.30
C GLU B 71 -38.76 19.63 11.57
N GLU B 72 -38.55 18.56 12.37
CA GLU B 72 -37.76 18.69 13.59
C GLU B 72 -36.31 19.03 13.27
N ALA B 73 -35.77 18.43 12.22
CA ALA B 73 -34.38 18.72 11.83
C ALA B 73 -34.21 20.18 11.44
N ARG B 74 -35.20 20.76 10.78
CA ARG B 74 -35.05 22.16 10.42
C ARG B 74 -35.08 23.05 11.66
N LYS B 75 -35.87 22.69 12.67
CA LYS B 75 -35.89 23.49 13.90
C LYS B 75 -34.57 23.34 14.65
N ILE B 76 -34.00 22.14 14.64
CA ILE B 76 -32.71 21.93 15.29
C ILE B 76 -31.63 22.76 14.59
N HIS B 77 -31.58 22.67 13.27
CA HIS B 77 -30.63 23.44 12.47
C HIS B 77 -30.73 24.93 12.78
N GLY B 78 -31.94 25.43 12.96
CA GLY B 78 -32.15 26.84 13.22
C GLY B 78 -31.70 27.29 14.59
N LEU B 79 -31.34 26.35 15.47
CA LEU B 79 -30.92 26.75 16.80
C LEU B 79 -29.49 27.29 16.83
N GLY B 80 -28.67 26.95 15.84
CA GLY B 80 -27.28 27.38 15.74
C GLY B 80 -26.57 26.66 14.63
N ASP B 81 -25.55 27.29 14.03
CA ASP B 81 -24.89 26.67 12.88
C ASP B 81 -24.10 25.41 13.25
N ASN B 82 -23.71 25.28 14.51
CA ASN B 82 -22.97 24.08 14.88
C ASN B 82 -23.87 22.90 15.21
N ALA B 83 -25.18 23.06 15.09
CA ALA B 83 -26.06 21.94 15.36
C ALA B 83 -25.97 20.91 14.24
N VAL B 84 -25.92 19.62 14.63
CA VAL B 84 -25.98 18.48 13.73
C VAL B 84 -27.19 17.64 14.08
N VAL B 85 -27.97 17.21 13.08
CA VAL B 85 -29.23 16.55 13.33
C VAL B 85 -28.97 15.05 13.31
N LYS B 86 -29.25 14.41 14.43
CA LYS B 86 -29.07 12.96 14.59
C LYS B 86 -30.38 12.28 14.17
N ILE B 87 -30.27 11.29 13.28
CA ILE B 87 -31.38 10.67 12.56
C ILE B 87 -31.13 9.17 12.68
N PRO B 88 -32.11 8.36 13.12
CA PRO B 88 -31.86 6.91 13.23
C PRO B 88 -31.81 6.21 11.88
N MET B 89 -31.09 5.08 11.83
CA MET B 89 -31.01 4.25 10.64
C MET B 89 -32.33 3.51 10.42
N THR B 90 -33.29 4.16 9.75
CA THR B 90 -34.55 3.54 9.32
C THR B 90 -34.85 4.01 7.90
N GLU B 91 -35.89 3.41 7.30
CA GLU B 91 -36.28 3.80 5.96
C GLU B 91 -36.61 5.27 5.90
N ASP B 92 -37.43 5.74 6.83
CA ASP B 92 -37.78 7.17 6.87
C ASP B 92 -36.54 8.01 7.17
N GLY B 93 -35.64 7.50 8.02
CA GLY B 93 -34.42 8.24 8.34
C GLY B 93 -33.53 8.45 7.13
N LEU B 94 -33.35 7.42 6.30
CA LEU B 94 -32.53 7.56 5.10
C LEU B 94 -33.13 8.54 4.13
N ARG B 95 -34.46 8.54 3.99
CA ARG B 95 -35.09 9.56 3.16
C ARG B 95 -34.87 10.95 3.74
N ALA B 96 -35.01 11.08 5.07
CA ALA B 96 -34.82 12.36 5.70
C ALA B 96 -33.39 12.86 5.51
N ILE B 97 -32.41 11.98 5.70
CA ILE B 97 -31.01 12.38 5.52
C ILE B 97 -30.79 12.89 4.11
N LYS B 98 -31.32 12.15 3.13
CA LYS B 98 -31.15 12.56 1.75
C LYS B 98 -31.70 13.96 1.50
N THR B 99 -32.90 14.25 2.03
CA THR B 99 -33.48 15.59 1.87
C THR B 99 -32.65 16.64 2.62
N LEU B 100 -32.28 16.37 3.88
CA LEU B 100 -31.53 17.37 4.63
C LEU B 100 -30.16 17.61 4.03
N SER B 101 -29.50 16.57 3.52
CA SER B 101 -28.22 16.75 2.85
C SER B 101 -28.34 17.69 1.66
N SER B 102 -29.40 17.57 0.87
CA SER B 102 -29.58 18.49 -0.24
C SER B 102 -29.90 19.90 0.23
N GLU B 103 -30.40 20.08 1.47
CA GLU B 103 -30.61 21.39 2.05
C GLU B 103 -29.39 21.90 2.83
N HIS B 104 -28.27 21.17 2.75
CA HIS B 104 -27.00 21.54 3.37
C HIS B 104 -27.15 21.66 4.88
N ILE B 105 -27.92 20.75 5.45
CA ILE B 105 -28.08 20.62 6.89
C ILE B 105 -27.28 19.40 7.29
N ASN B 106 -26.30 19.59 8.19
CA ASN B 106 -25.42 18.49 8.58
C ASN B 106 -26.20 17.46 9.38
N THR B 107 -25.86 16.18 9.17
CA THR B 107 -26.66 15.08 9.70
C THR B 107 -25.74 14.03 10.31
N ASN B 108 -26.28 13.27 11.26
CA ASN B 108 -25.52 12.19 11.92
C ASN B 108 -26.44 10.99 12.00
N CYS B 109 -26.11 9.89 11.31
CA CYS B 109 -26.99 8.73 11.32
C CYS B 109 -26.63 7.84 12.51
N THR B 110 -27.60 7.52 13.35
CA THR B 110 -27.34 6.84 14.62
C THR B 110 -28.01 5.47 14.62
N LEU B 111 -27.77 4.72 15.72
CA LEU B 111 -28.30 3.35 15.91
C LEU B 111 -27.87 2.43 14.79
N VAL B 112 -26.59 2.50 14.46
CA VAL B 112 -25.98 1.71 13.40
C VAL B 112 -25.18 0.59 14.06
N PHE B 113 -25.38 -0.66 13.59
CA PHE B 113 -24.84 -1.83 14.28
C PHE B 113 -24.12 -2.79 13.36
N ASN B 114 -24.04 -2.50 12.07
CA ASN B 114 -23.19 -3.30 11.19
C ASN B 114 -22.68 -2.41 10.07
N PRO B 115 -21.76 -2.94 9.22
CA PRO B 115 -21.11 -2.04 8.26
C PRO B 115 -21.99 -1.67 7.08
N ILE B 116 -22.90 -2.56 6.68
CA ILE B 116 -23.77 -2.21 5.55
C ILE B 116 -24.79 -1.14 5.94
N GLN B 117 -25.31 -1.13 7.18
CA GLN B 117 -26.11 0.04 7.56
C GLN B 117 -25.30 1.33 7.43
N ALA B 118 -24.02 1.27 7.85
CA ALA B 118 -23.21 2.50 7.75
C ALA B 118 -23.06 2.92 6.31
N LEU B 119 -22.82 1.96 5.41
CA LEU B 119 -22.71 2.26 3.99
C LEU B 119 -24.01 2.89 3.46
N LEU B 120 -25.18 2.33 3.82
CA LEU B 120 -26.43 2.94 3.38
C LEU B 120 -26.55 4.39 3.84
N ALA B 121 -26.20 4.69 5.10
CA ALA B 121 -26.25 6.08 5.58
C ALA B 121 -25.33 6.98 4.77
N ALA B 122 -24.10 6.49 4.47
CA ALA B 122 -23.18 7.25 3.63
C ALA B 122 -23.77 7.50 2.24
N LYS B 123 -24.45 6.50 1.67
CA LYS B 123 -25.04 6.70 0.34
C LYS B 123 -26.17 7.71 0.37
N ALA B 124 -26.82 7.87 1.52
CA ALA B 124 -27.84 8.90 1.63
C ALA B 124 -27.26 10.29 1.79
N GLY B 125 -25.94 10.41 1.89
CA GLY B 125 -25.28 11.71 2.05
C GLY B 125 -24.99 12.18 3.46
N VAL B 126 -24.98 11.29 4.45
CA VAL B 126 -24.93 11.70 5.85
C VAL B 126 -23.56 12.28 6.19
N THR B 127 -23.53 13.30 7.05
CA THR B 127 -22.24 13.91 7.38
C THR B 127 -21.40 13.00 8.28
N TYR B 128 -22.05 12.38 9.28
CA TYR B 128 -21.40 11.46 10.21
C TYR B 128 -22.24 10.21 10.29
N VAL B 129 -21.60 9.04 10.49
CA VAL B 129 -22.35 7.83 10.82
C VAL B 129 -21.83 7.36 12.17
N SER B 130 -22.74 6.91 13.04
CA SER B 130 -22.37 6.51 14.41
C SER B 130 -22.67 5.03 14.66
N PRO B 131 -21.73 4.14 14.38
CA PRO B 131 -21.84 2.75 14.86
C PRO B 131 -21.64 2.66 16.37
N PHE B 132 -22.41 1.77 17.01
CA PHE B 132 -22.45 1.65 18.48
C PHE B 132 -21.58 0.48 18.90
N VAL B 133 -20.40 0.73 19.43
CA VAL B 133 -19.54 -0.41 19.73
C VAL B 133 -19.92 -1.06 21.05
N GLY B 134 -20.23 -0.26 22.07
CA GLY B 134 -20.49 -0.81 23.39
C GLY B 134 -21.74 -1.69 23.42
N ARG B 135 -22.79 -1.30 22.65
CA ARG B 135 -23.99 -2.13 22.63
C ARG B 135 -23.76 -3.44 21.89
N LEU B 136 -22.81 -3.46 20.94
CA LEU B 136 -22.44 -4.74 20.35
C LEU B 136 -21.67 -5.59 21.36
N ASP B 137 -20.72 -4.96 22.08
CA ASP B 137 -20.02 -5.69 23.15
C ASP B 137 -21.03 -6.32 24.09
N ASP B 138 -22.10 -5.56 24.42
CA ASP B 138 -23.16 -6.01 25.31
C ASP B 138 -23.74 -7.36 24.86
N ILE B 139 -23.89 -7.55 23.56
CA ILE B 139 -24.53 -8.74 23.05
C ILE B 139 -23.52 -9.77 22.57
N GLY B 140 -22.27 -9.62 22.99
CA GLY B 140 -21.27 -10.68 22.82
C GLY B 140 -20.57 -10.69 21.49
N GLU B 141 -20.48 -9.53 20.85
CA GLU B 141 -19.80 -9.35 19.58
C GLU B 141 -18.79 -8.21 19.78
N ASP B 142 -17.54 -8.37 19.34
CA ASP B 142 -16.55 -7.29 19.55
C ASP B 142 -16.92 -6.14 18.63
N GLY B 143 -17.47 -5.06 19.20
CA GLY B 143 -17.96 -3.95 18.38
C GLY B 143 -16.87 -3.29 17.56
N MET B 144 -15.62 -3.36 18.01
CA MET B 144 -14.60 -2.66 17.23
C MET B 144 -14.37 -3.31 15.88
N GLN B 145 -14.75 -4.58 15.69
N GLN B 145 -14.74 -4.59 15.71
CA GLN B 145 -14.58 -5.18 14.37
CA GLN B 145 -14.62 -5.23 14.41
C GLN B 145 -15.48 -4.52 13.34
C GLN B 145 -15.47 -4.53 13.36
N ILE B 146 -16.63 -4.00 13.76
CA ILE B 146 -17.50 -3.30 12.81
C ILE B 146 -16.84 -1.99 12.38
N ILE B 147 -16.20 -1.30 13.31
CA ILE B 147 -15.49 -0.05 12.96
C ILE B 147 -14.39 -0.32 11.93
N ASP B 148 -13.62 -1.41 12.14
CA ASP B 148 -12.55 -1.79 11.21
C ASP B 148 -13.12 -2.02 9.81
N MET B 149 -14.25 -2.78 9.70
CA MET B 149 -14.83 -3.01 8.38
C MET B 149 -15.35 -1.72 7.75
N ILE B 150 -15.96 -0.84 8.54
CA ILE B 150 -16.49 0.38 7.94
C ILE B 150 -15.37 1.25 7.40
N ARG B 151 -14.26 1.31 8.16
CA ARG B 151 -13.11 2.09 7.68
C ARG B 151 -12.60 1.54 6.35
N THR B 152 -12.52 0.22 6.23
CA THR B 152 -12.09 -0.40 4.97
C THR B 152 -13.04 -0.06 3.83
N ILE B 153 -14.36 -0.24 4.07
CA ILE B 153 -15.39 0.06 3.07
C ILE B 153 -15.32 1.52 2.68
N PHE B 154 -15.28 2.39 3.67
CA PHE B 154 -15.20 3.82 3.31
C PHE B 154 -13.92 4.17 2.54
N ASN B 155 -12.79 3.57 2.90
CA ASN B 155 -11.58 3.82 2.12
C ASN B 155 -11.72 3.31 0.69
N ASN B 156 -12.39 2.15 0.50
CA ASN B 156 -12.49 1.58 -0.83
C ASN B 156 -13.17 2.54 -1.79
N TYR B 157 -14.22 3.22 -1.34
CA TYR B 157 -15.08 4.03 -2.21
C TYR B 157 -14.84 5.53 -2.03
N ILE B 158 -13.78 5.92 -1.31
CA ILE B 158 -13.42 7.32 -1.05
C ILE B 158 -14.62 8.05 -0.46
N ILE B 159 -15.27 7.41 0.49
CA ILE B 159 -16.47 7.98 1.10
C ILE B 159 -16.10 9.13 2.03
N LYS B 160 -16.85 10.23 1.94
CA LYS B 160 -16.53 11.42 2.73
C LYS B 160 -17.30 11.52 4.04
N THR B 161 -18.36 10.73 4.22
CA THR B 161 -19.00 10.57 5.51
C THR B 161 -17.96 10.23 6.58
N GLN B 162 -18.02 10.93 7.73
CA GLN B 162 -17.09 10.68 8.82
C GLN B 162 -17.59 9.57 9.74
N ILE B 163 -16.68 8.67 10.11
CA ILE B 163 -17.00 7.60 11.06
C ILE B 163 -16.92 8.19 12.45
N LEU B 164 -18.03 8.18 13.17
CA LEU B 164 -18.14 8.74 14.52
C LEU B 164 -18.41 7.56 15.45
N VAL B 165 -17.38 7.08 16.15
CA VAL B 165 -17.56 5.87 16.98
C VAL B 165 -18.34 6.24 18.23
N ALA B 166 -19.46 5.57 18.46
CA ALA B 166 -20.32 5.94 19.58
C ALA B 166 -20.53 4.72 20.48
N SER B 167 -21.35 4.88 21.53
CA SER B 167 -21.46 3.84 22.57
C SER B 167 -20.08 3.41 23.08
N ILE B 168 -19.21 4.40 23.37
CA ILE B 168 -17.87 4.05 23.84
C ILE B 168 -17.90 3.85 25.33
N ARG B 169 -17.25 2.78 25.80
CA ARG B 169 -17.32 2.42 27.21
C ARG B 169 -15.98 2.44 27.94
N ASN B 170 -14.86 2.47 27.22
CA ASN B 170 -13.56 2.38 27.89
C ASN B 170 -12.50 2.98 26.98
N PRO B 171 -11.30 3.23 27.52
CA PRO B 171 -10.25 3.88 26.70
C PRO B 171 -9.69 2.99 25.61
N ILE B 172 -9.95 1.67 25.64
CA ILE B 172 -9.40 0.81 24.59
C ILE B 172 -10.30 0.88 23.34
N HIS B 173 -11.61 1.12 23.51
CA HIS B 173 -12.40 1.53 22.34
C HIS B 173 -11.75 2.75 21.67
N VAL B 174 -11.25 3.69 22.47
CA VAL B 174 -10.66 4.91 21.90
C VAL B 174 -9.34 4.59 21.22
N LEU B 175 -8.49 3.83 21.89
CA LEU B 175 -7.21 3.44 21.30
C LEU B 175 -7.43 2.70 19.99
N ARG B 176 -8.31 1.69 20.01
CA ARG B 176 -8.50 0.89 18.79
C ARG B 176 -9.09 1.74 17.67
N SER B 177 -9.99 2.68 18.01
CA SER B 177 -10.54 3.60 17.01
C SER B 177 -9.44 4.42 16.34
N ALA B 178 -8.46 4.87 17.12
CA ALA B 178 -7.40 5.69 16.52
C ALA B 178 -6.51 4.85 15.62
N VAL B 179 -6.21 3.61 16.07
CA VAL B 179 -5.34 2.75 15.27
C VAL B 179 -6.03 2.34 13.96
N ILE B 180 -7.35 2.14 14.01
CA ILE B 180 -8.11 1.85 12.80
C ILE B 180 -8.16 3.08 11.90
N GLY B 181 -8.27 4.23 12.51
CA GLY B 181 -8.35 5.51 11.77
C GLY B 181 -9.76 6.08 11.67
N ALA B 182 -10.64 5.80 12.63
CA ALA B 182 -11.95 6.46 12.66
C ALA B 182 -11.81 7.97 12.73
N ASP B 183 -12.78 8.68 12.13
CA ASP B 183 -12.66 10.14 12.07
C ASP B 183 -12.89 10.80 13.41
N VAL B 184 -13.82 10.25 14.20
CA VAL B 184 -14.29 10.85 15.44
C VAL B 184 -14.57 9.74 16.43
N VAL B 185 -14.33 10.00 17.71
CA VAL B 185 -14.91 9.22 18.81
C VAL B 185 -15.76 10.15 19.67
N THR B 186 -16.89 9.64 20.18
CA THR B 186 -17.61 10.40 21.18
C THR B 186 -17.60 9.61 22.47
N VAL B 187 -17.17 10.24 23.57
CA VAL B 187 -16.86 9.46 24.79
C VAL B 187 -17.63 10.02 25.99
N PRO B 188 -18.08 9.17 26.92
CA PRO B 188 -18.65 9.70 28.17
C PRO B 188 -17.56 10.37 29.01
N PHE B 189 -18.02 11.17 29.96
CA PHE B 189 -17.10 12.03 30.72
C PHE B 189 -16.08 11.22 31.51
N ASN B 190 -16.49 10.12 32.13
N ASN B 190 -16.52 10.11 32.13
CA ASN B 190 -15.48 9.38 32.91
CA ASN B 190 -15.57 9.28 32.88
C ASN B 190 -14.45 8.69 32.02
C ASN B 190 -14.43 8.80 31.99
N VAL B 191 -14.76 8.42 30.75
CA VAL B 191 -13.73 7.96 29.83
C VAL B 191 -12.82 9.12 29.42
N LEU B 192 -13.44 10.25 29.05
CA LEU B 192 -12.67 11.44 28.68
C LEU B 192 -11.61 11.75 29.74
N LYS B 193 -12.03 11.76 31.01
CA LYS B 193 -11.12 12.12 32.09
C LYS B 193 -9.93 11.17 32.17
N SER B 194 -10.12 9.91 31.85
CA SER B 194 -9.01 8.99 32.02
C SER B 194 -7.99 9.08 30.88
N LEU B 195 -8.33 9.68 29.73
CA LEU B 195 -7.47 9.61 28.55
C LEU B 195 -6.14 10.35 28.76
N MET B 196 -6.12 11.41 29.56
CA MET B 196 -4.86 12.11 29.76
C MET B 196 -3.93 11.41 30.75
N LYS B 197 -4.43 10.42 31.50
CA LYS B 197 -3.77 9.97 32.72
C LYS B 197 -2.96 8.71 32.48
N HIS B 198 -1.86 8.60 33.19
CA HIS B 198 -1.12 7.33 33.26
C HIS B 198 -0.36 7.33 34.57
N PRO B 199 -0.31 6.19 35.28
CA PRO B 199 0.43 6.16 36.56
C PRO B 199 1.91 6.47 36.40
N LYS B 200 2.52 6.18 35.25
CA LYS B 200 3.94 6.51 35.11
C LYS B 200 4.17 7.98 34.83
N THR B 201 3.14 8.66 34.30
CA THR B 201 3.19 10.12 34.22
C THR B 201 3.24 10.72 35.62
N ASP B 202 2.32 10.26 36.49
CA ASP B 202 2.28 10.74 37.87
C ASP B 202 3.60 10.46 38.59
N GLU B 203 4.12 9.25 38.44
N GLU B 203 4.10 9.24 38.47
CA GLU B 203 5.35 8.88 39.14
CA GLU B 203 5.36 8.91 39.14
C GLU B 203 6.54 9.69 38.61
C GLU B 203 6.51 9.76 38.62
N GLY B 204 6.56 9.98 37.31
CA GLY B 204 7.67 10.75 36.76
C GLY B 204 7.66 12.22 37.17
N LEU B 205 6.46 12.79 37.33
CA LEU B 205 6.36 14.16 37.84
C LEU B 205 6.87 14.27 39.26
N ALA B 206 6.53 13.29 40.12
CA ALA B 206 7.07 13.30 41.47
C ALA B 206 8.59 13.17 41.49
N LYS B 207 9.16 12.31 40.64
CA LYS B 207 10.62 12.20 40.62
C LYS B 207 11.26 13.50 40.15
N PHE B 208 10.73 14.11 39.08
CA PHE B 208 11.29 15.37 38.60
C PHE B 208 11.18 16.47 39.64
N LEU B 209 10.12 16.45 40.45
CA LEU B 209 10.00 17.48 41.47
C LEU B 209 11.03 17.28 42.57
N GLU B 210 11.30 16.02 42.93
CA GLU B 210 12.34 15.77 43.92
C GLU B 210 13.73 16.13 43.38
N ALA B 211 13.97 15.83 42.09
CA ALA B 211 15.24 16.21 41.48
C ALA B 211 15.44 17.71 41.48
N TRP B 212 14.39 18.45 41.12
CA TRP B 212 14.48 19.90 41.08
C TRP B 212 14.69 20.50 42.47
N LYS B 213 14.12 19.88 43.51
CA LYS B 213 14.30 20.40 44.86
C LYS B 213 15.72 20.24 45.38
N LYS B 214 16.56 19.44 44.71
CA LYS B 214 17.96 19.36 45.11
C LYS B 214 18.80 20.51 44.57
N VAL B 215 18.34 21.22 43.53
CA VAL B 215 19.08 22.33 42.99
C VAL B 215 18.44 23.67 43.28
N SER B 216 17.16 23.69 43.66
CA SER B 216 16.46 24.95 43.94
C SER B 216 15.36 24.65 44.96
N PRO B 217 15.71 24.66 46.26
CA PRO B 217 14.77 24.37 47.35
C PRO B 217 13.63 25.38 47.44
N MET C 1 -20.12 1.92 -3.21
CA MET C 1 -20.69 0.75 -3.85
C MET C 1 -22.11 1.10 -4.28
N LYS C 2 -22.42 0.96 -5.57
CA LYS C 2 -23.80 1.11 -6.02
C LYS C 2 -24.60 -0.12 -5.66
N ILE C 3 -25.88 0.08 -5.44
CA ILE C 3 -26.75 -1.02 -5.10
C ILE C 3 -27.86 -1.04 -6.14
N PHE C 4 -27.91 -2.10 -6.93
CA PHE C 4 -29.01 -2.28 -7.87
C PHE C 4 -30.03 -3.27 -7.32
N LEU C 5 -31.28 -3.14 -7.80
CA LEU C 5 -32.29 -4.15 -7.49
C LEU C 5 -32.33 -5.17 -8.61
N ASP C 6 -32.33 -6.45 -8.24
CA ASP C 6 -32.35 -7.54 -9.21
C ASP C 6 -33.74 -8.13 -9.26
N THR C 7 -34.60 -7.52 -10.07
CA THR C 7 -35.98 -7.93 -10.17
C THR C 7 -36.59 -7.27 -11.39
N ALA C 8 -37.74 -7.80 -11.81
CA ALA C 8 -38.58 -7.10 -12.76
C ALA C 8 -39.92 -6.72 -12.16
N ASN C 9 -40.11 -6.94 -10.87
CA ASN C 9 -41.38 -6.62 -10.23
C ASN C 9 -41.48 -5.11 -10.05
N ILE C 10 -42.48 -4.50 -10.72
CA ILE C 10 -42.57 -3.04 -10.78
C ILE C 10 -42.82 -2.47 -9.40
N ASP C 11 -43.64 -3.14 -8.60
CA ASP C 11 -43.93 -2.66 -7.25
C ASP C 11 -42.66 -2.59 -6.40
N GLU C 12 -41.86 -3.67 -6.42
CA GLU C 12 -40.58 -3.68 -5.71
C GLU C 12 -39.68 -2.53 -6.16
N ILE C 13 -39.59 -2.34 -7.47
CA ILE C 13 -38.76 -1.28 -8.03
C ILE C 13 -39.24 0.10 -7.57
N ARG C 14 -40.57 0.34 -7.61
CA ARG C 14 -41.11 1.61 -7.14
C ARG C 14 -40.75 1.86 -5.69
N THR C 15 -40.96 0.85 -4.84
CA THR C 15 -40.68 0.95 -3.41
C THR C 15 -39.19 1.19 -3.12
N GLY C 16 -38.31 0.39 -3.74
CA GLY C 16 -36.89 0.59 -3.52
C GLY C 16 -36.40 1.96 -3.95
N VAL C 17 -36.92 2.48 -5.06
CA VAL C 17 -36.42 3.76 -5.54
C VAL C 17 -36.78 4.87 -4.56
N ASN C 18 -37.99 4.78 -3.97
CA ASN C 18 -38.46 5.78 -3.01
C ASN C 18 -37.69 5.78 -1.70
N TRP C 19 -37.09 4.65 -1.31
CA TRP C 19 -36.11 4.71 -0.22
C TRP C 19 -34.87 5.47 -0.61
N GLY C 20 -34.73 5.79 -1.89
CA GLY C 20 -33.52 6.46 -2.34
C GLY C 20 -32.25 5.66 -2.26
N ILE C 21 -32.31 4.35 -2.04
CA ILE C 21 -31.12 3.53 -1.88
C ILE C 21 -30.87 2.65 -3.08
N VAL C 22 -31.69 2.78 -4.13
CA VAL C 22 -31.54 1.92 -5.30
C VAL C 22 -30.98 2.76 -6.43
N ASP C 23 -29.85 2.34 -6.97
CA ASP C 23 -29.08 3.06 -7.98
C ASP C 23 -29.29 2.53 -9.38
N GLY C 24 -30.04 1.46 -9.55
CA GLY C 24 -30.27 0.88 -10.86
C GLY C 24 -31.00 -0.43 -10.67
N VAL C 25 -31.21 -1.12 -11.79
CA VAL C 25 -31.91 -2.41 -11.78
C VAL C 25 -31.24 -3.36 -12.74
N THR C 26 -31.18 -4.64 -12.37
CA THR C 26 -30.84 -5.67 -13.35
C THR C 26 -32.02 -6.58 -13.58
N THR C 27 -32.20 -7.00 -14.81
CA THR C 27 -33.25 -7.99 -15.14
C THR C 27 -32.58 -9.16 -15.87
N ASN C 28 -33.34 -10.23 -16.07
CA ASN C 28 -32.92 -11.30 -16.96
C ASN C 28 -34.19 -11.99 -17.43
N PRO C 29 -34.09 -12.89 -18.42
CA PRO C 29 -35.32 -13.46 -19.00
C PRO C 29 -36.21 -14.19 -18.00
N THR C 30 -35.60 -14.83 -16.99
CA THR C 30 -36.39 -15.50 -15.96
C THR C 30 -37.17 -14.48 -15.11
N LEU C 31 -36.49 -13.44 -14.60
CA LEU C 31 -37.17 -12.42 -13.82
C LEU C 31 -38.28 -11.77 -14.62
N ILE C 32 -38.04 -11.53 -15.91
CA ILE C 32 -39.11 -10.88 -16.68
C ILE C 32 -40.27 -11.86 -16.89
N SER C 33 -39.99 -13.14 -17.17
CA SER C 33 -41.08 -14.08 -17.43
C SER C 33 -41.98 -14.23 -16.21
N LYS C 34 -41.41 -14.07 -15.02
CA LYS C 34 -42.17 -14.11 -13.78
C LYS C 34 -43.24 -13.02 -13.74
N GLU C 35 -42.97 -11.86 -14.32
N GLU C 35 -42.95 -11.85 -14.30
CA GLU C 35 -43.89 -10.74 -14.27
CA GLU C 35 -43.88 -10.72 -14.29
C GLU C 35 -44.76 -10.62 -15.53
C GLU C 35 -44.82 -10.73 -15.49
N ALA C 36 -44.43 -11.34 -16.60
CA ALA C 36 -45.21 -11.31 -17.84
C ALA C 36 -46.30 -12.37 -17.81
N VAL C 37 -47.15 -12.23 -16.81
CA VAL C 37 -48.24 -13.17 -16.58
C VAL C 37 -49.55 -12.40 -16.58
N ASN C 38 -50.60 -13.06 -17.05
CA ASN C 38 -51.97 -12.53 -17.01
C ASN C 38 -52.08 -11.22 -17.79
N GLY C 39 -51.76 -11.31 -19.08
CA GLY C 39 -51.92 -10.22 -20.00
C GLY C 39 -50.73 -9.29 -20.12
N LYS C 40 -49.88 -9.22 -19.10
CA LYS C 40 -48.78 -8.24 -19.13
C LYS C 40 -47.71 -8.70 -20.11
N LYS C 41 -47.27 -7.77 -20.97
CA LYS C 41 -46.30 -8.06 -22.00
C LYS C 41 -44.88 -7.72 -21.52
N TYR C 42 -43.92 -8.54 -21.95
CA TYR C 42 -42.53 -8.26 -21.57
C TYR C 42 -42.06 -6.91 -22.10
N GLY C 43 -42.53 -6.49 -23.27
CA GLY C 43 -42.07 -5.22 -23.80
C GLY C 43 -42.54 -4.05 -22.95
N ASP C 44 -43.79 -4.10 -22.48
CA ASP C 44 -44.31 -3.06 -21.59
C ASP C 44 -43.58 -3.05 -20.25
N ILE C 45 -43.24 -4.23 -19.72
CA ILE C 45 -42.51 -4.28 -18.44
C ILE C 45 -41.15 -3.61 -18.58
N ILE C 46 -40.42 -3.95 -19.63
CA ILE C 46 -39.10 -3.35 -19.83
C ILE C 46 -39.22 -1.84 -19.97
N ARG C 47 -40.12 -1.37 -20.82
CA ARG C 47 -40.23 0.07 -21.03
C ARG C 47 -40.56 0.77 -19.72
N GLU C 48 -41.41 0.15 -18.89
CA GLU C 48 -41.86 0.78 -17.66
C GLU C 48 -40.70 0.90 -16.67
N ILE C 49 -39.87 -0.15 -16.58
CA ILE C 49 -38.75 -0.06 -15.67
C ILE C 49 -37.79 1.05 -16.10
N LEU C 50 -37.51 1.13 -17.42
CA LEU C 50 -36.65 2.19 -17.93
C LEU C 50 -37.23 3.56 -17.63
N LYS C 51 -38.56 3.65 -17.61
CA LYS C 51 -39.21 4.91 -17.30
C LYS C 51 -39.00 5.31 -15.85
N ILE C 52 -39.25 4.41 -14.92
CA ILE C 52 -39.28 4.84 -13.53
C ILE C 52 -37.92 4.87 -12.82
N VAL C 53 -36.89 4.21 -13.37
CA VAL C 53 -35.54 4.12 -12.78
C VAL C 53 -34.62 5.12 -13.47
N ASP C 54 -33.97 6.00 -12.71
CA ASP C 54 -33.08 6.97 -13.33
C ASP C 54 -31.70 6.32 -13.61
N GLY C 55 -31.29 5.37 -12.82
CA GLY C 55 -29.99 4.73 -12.99
C GLY C 55 -29.98 3.71 -14.13
N PRO C 56 -28.86 3.01 -14.27
CA PRO C 56 -28.77 1.95 -15.28
C PRO C 56 -29.83 0.88 -15.10
N VAL C 57 -30.30 0.34 -16.23
CA VAL C 57 -31.23 -0.78 -16.22
C VAL C 57 -30.71 -1.80 -17.22
N SER C 58 -30.36 -2.98 -16.71
N SER C 58 -30.29 -2.96 -16.70
CA SER C 58 -29.73 -4.03 -17.50
CA SER C 58 -29.73 -4.02 -17.54
C SER C 58 -30.79 -4.97 -18.07
C SER C 58 -30.81 -4.93 -18.09
N VAL C 59 -30.79 -5.13 -19.41
CA VAL C 59 -31.79 -5.94 -20.10
C VAL C 59 -31.05 -6.89 -21.03
N GLU C 60 -31.39 -8.18 -20.96
CA GLU C 60 -30.59 -9.24 -21.60
C GLU C 60 -31.12 -9.56 -22.99
N VAL C 61 -30.19 -9.68 -23.94
CA VAL C 61 -30.52 -10.24 -25.23
C VAL C 61 -30.97 -11.68 -25.06
N VAL C 62 -31.78 -12.13 -26.00
CA VAL C 62 -32.20 -13.52 -26.00
C VAL C 62 -31.63 -14.29 -27.18
N SER C 63 -31.13 -13.63 -28.21
CA SER C 63 -30.42 -14.33 -29.28
C SER C 63 -29.10 -14.88 -28.77
N THR C 64 -28.68 -16.04 -29.31
CA THR C 64 -27.37 -16.60 -28.98
C THR C 64 -26.32 -16.38 -30.05
N LYS C 65 -26.68 -15.77 -31.18
CA LYS C 65 -25.75 -15.54 -32.28
C LYS C 65 -25.36 -14.07 -32.38
N TYR C 66 -24.11 -13.84 -32.80
CA TYR C 66 -23.55 -12.49 -32.88
C TYR C 66 -24.54 -11.50 -33.51
N GLU C 67 -25.05 -11.81 -34.70
CA GLU C 67 -25.87 -10.82 -35.41
C GLU C 67 -27.17 -10.55 -34.68
N GLY C 68 -27.85 -11.60 -34.20
CA GLY C 68 -29.04 -11.38 -33.41
C GLY C 68 -28.75 -10.57 -32.15
N MET C 69 -27.57 -10.79 -31.54
CA MET C 69 -27.23 -10.07 -30.32
C MET C 69 -27.04 -8.58 -30.57
N VAL C 70 -26.32 -8.23 -31.64
CA VAL C 70 -26.07 -6.80 -31.80
C VAL C 70 -27.31 -6.10 -32.29
N GLU C 71 -28.14 -6.80 -33.09
CA GLU C 71 -29.43 -6.26 -33.53
C GLU C 71 -30.33 -5.95 -32.34
N GLU C 72 -30.46 -6.92 -31.42
CA GLU C 72 -31.32 -6.72 -30.25
C GLU C 72 -30.73 -5.67 -29.32
N ALA C 73 -29.40 -5.63 -29.22
CA ALA C 73 -28.77 -4.63 -28.37
C ALA C 73 -29.04 -3.23 -28.87
N ARG C 74 -29.01 -3.03 -30.19
CA ARG C 74 -29.31 -1.69 -30.69
C ARG C 74 -30.76 -1.32 -30.44
N LYS C 75 -31.67 -2.30 -30.51
CA LYS C 75 -33.06 -2.05 -30.14
C LYS C 75 -33.19 -1.72 -28.65
N ILE C 76 -32.48 -2.45 -27.80
CA ILE C 76 -32.58 -2.16 -26.37
C ILE C 76 -32.04 -0.77 -26.08
N HIS C 77 -30.90 -0.43 -26.67
CA HIS C 77 -30.32 0.89 -26.47
C HIS C 77 -31.27 1.97 -26.90
N GLY C 78 -32.06 1.71 -27.95
CA GLY C 78 -32.98 2.70 -28.48
C GLY C 78 -34.07 3.07 -27.52
N LEU C 79 -34.30 2.27 -26.48
CA LEU C 79 -35.47 2.49 -25.62
C LEU C 79 -35.22 3.55 -24.57
N GLY C 80 -33.96 3.86 -24.27
CA GLY C 80 -33.65 4.88 -23.31
C GLY C 80 -32.16 4.90 -23.06
N ASP C 81 -31.62 6.07 -22.75
CA ASP C 81 -30.18 6.17 -22.57
C ASP C 81 -29.71 5.43 -21.33
N ASN C 82 -30.61 5.10 -20.40
CA ASN C 82 -30.17 4.36 -19.22
C ASN C 82 -30.18 2.85 -19.45
N ALA C 83 -30.55 2.40 -20.65
CA ALA C 83 -30.50 0.97 -20.92
C ALA C 83 -29.08 0.46 -21.04
N VAL C 84 -28.83 -0.70 -20.42
CA VAL C 84 -27.56 -1.41 -20.49
C VAL C 84 -27.88 -2.80 -21.02
N VAL C 85 -27.12 -3.25 -22.02
CA VAL C 85 -27.44 -4.50 -22.70
C VAL C 85 -26.68 -5.64 -22.01
N LYS C 86 -27.42 -6.60 -21.48
CA LYS C 86 -26.84 -7.76 -20.82
C LYS C 86 -26.54 -8.83 -21.86
N ILE C 87 -25.34 -9.37 -21.84
CA ILE C 87 -24.81 -10.23 -22.90
C ILE C 87 -24.10 -11.38 -22.23
N PRO C 88 -24.34 -12.61 -22.60
CA PRO C 88 -23.71 -13.74 -21.89
C PRO C 88 -22.26 -13.91 -22.30
N MET C 89 -21.49 -14.55 -21.41
CA MET C 89 -20.09 -14.87 -21.66
C MET C 89 -20.04 -16.06 -22.62
N THR C 90 -20.02 -15.76 -23.93
CA THR C 90 -19.81 -16.75 -24.99
C THR C 90 -18.91 -16.15 -26.07
N GLU C 91 -18.44 -17.01 -26.98
CA GLU C 91 -17.66 -16.52 -28.13
C GLU C 91 -18.40 -15.41 -28.87
N ASP C 92 -19.66 -15.68 -29.24
CA ASP C 92 -20.47 -14.66 -29.91
C ASP C 92 -20.74 -13.47 -29.00
N GLY C 93 -20.90 -13.70 -27.70
CA GLY C 93 -21.14 -12.56 -26.81
C GLY C 93 -19.94 -11.63 -26.72
N LEU C 94 -18.72 -12.18 -26.64
CA LEU C 94 -17.54 -11.32 -26.65
C LEU C 94 -17.45 -10.50 -27.93
N ARG C 95 -17.70 -11.15 -29.08
CA ARG C 95 -17.70 -10.41 -30.33
C ARG C 95 -18.74 -9.30 -30.30
N ALA C 96 -19.93 -9.58 -29.75
CA ALA C 96 -20.96 -8.54 -29.68
C ALA C 96 -20.56 -7.40 -28.75
N ILE C 97 -19.94 -7.73 -27.61
CA ILE C 97 -19.52 -6.66 -26.69
C ILE C 97 -18.52 -5.74 -27.37
N LYS C 98 -17.58 -6.31 -28.14
CA LYS C 98 -16.56 -5.49 -28.80
C LYS C 98 -17.20 -4.53 -29.78
N THR C 99 -18.12 -5.04 -30.62
CA THR C 99 -18.85 -4.18 -31.56
C THR C 99 -19.60 -3.07 -30.83
N LEU C 100 -20.37 -3.44 -29.80
CA LEU C 100 -21.26 -2.47 -29.17
C LEU C 100 -20.48 -1.44 -28.37
N SER C 101 -19.38 -1.88 -27.76
CA SER C 101 -18.47 -0.95 -27.12
C SER C 101 -17.99 0.11 -28.11
N SER C 102 -17.60 -0.30 -29.33
CA SER C 102 -17.19 0.65 -30.35
C SER C 102 -18.33 1.59 -30.76
N GLU C 103 -19.58 1.20 -30.52
CA GLU C 103 -20.74 2.02 -30.81
C GLU C 103 -21.21 2.81 -29.60
N HIS C 104 -20.49 2.74 -28.48
CA HIS C 104 -20.77 3.54 -27.29
C HIS C 104 -22.11 3.13 -26.67
N ILE C 105 -22.41 1.84 -26.76
CA ILE C 105 -23.59 1.25 -26.16
C ILE C 105 -23.12 0.52 -24.90
N ASN C 106 -23.70 0.86 -23.74
CA ASN C 106 -23.20 0.23 -22.52
C ASN C 106 -23.65 -1.23 -22.45
N THR C 107 -22.76 -2.08 -21.93
CA THR C 107 -22.93 -3.54 -21.93
C THR C 107 -22.68 -4.09 -20.55
N ASN C 108 -23.30 -5.24 -20.26
CA ASN C 108 -23.11 -5.98 -19.00
C ASN C 108 -22.89 -7.44 -19.36
N CYS C 109 -21.68 -8.00 -19.10
CA CYS C 109 -21.45 -9.42 -19.45
C CYS C 109 -21.90 -10.29 -18.29
N THR C 110 -22.80 -11.25 -18.55
CA THR C 110 -23.45 -12.03 -17.49
C THR C 110 -23.05 -13.49 -17.58
N LEU C 111 -23.53 -14.30 -16.61
CA LEU C 111 -23.20 -15.74 -16.54
C LEU C 111 -21.68 -15.97 -16.46
N VAL C 112 -21.04 -15.21 -15.59
CA VAL C 112 -19.60 -15.30 -15.33
C VAL C 112 -19.40 -16.08 -14.03
N PHE C 113 -18.49 -17.07 -14.04
CA PHE C 113 -18.32 -17.97 -12.90
C PHE C 113 -16.87 -18.12 -12.47
N ASN C 114 -15.93 -17.46 -13.11
CA ASN C 114 -14.55 -17.50 -12.68
C ASN C 114 -13.86 -16.20 -13.06
N PRO C 115 -12.66 -15.94 -12.53
CA PRO C 115 -12.06 -14.62 -12.77
C PRO C 115 -11.58 -14.44 -14.20
N ILE C 116 -11.14 -15.50 -14.88
CA ILE C 116 -10.61 -15.29 -16.22
C ILE C 116 -11.74 -14.98 -17.21
N GLN C 117 -12.92 -15.62 -17.07
CA GLN C 117 -14.08 -15.15 -17.85
C GLN C 117 -14.30 -13.65 -17.65
N ALA C 118 -14.21 -13.18 -16.42
CA ALA C 118 -14.44 -11.76 -16.16
C ALA C 118 -13.38 -10.91 -16.84
N LEU C 119 -12.11 -11.37 -16.82
CA LEU C 119 -11.06 -10.61 -17.50
C LEU C 119 -11.31 -10.58 -19.00
N LEU C 120 -11.76 -11.71 -19.59
CA LEU C 120 -12.03 -11.72 -21.03
C LEU C 120 -13.10 -10.69 -21.38
N ALA C 121 -14.14 -10.57 -20.54
CA ALA C 121 -15.20 -9.62 -20.80
C ALA C 121 -14.67 -8.19 -20.70
N ALA C 122 -13.75 -7.94 -19.75
CA ALA C 122 -13.16 -6.60 -19.66
C ALA C 122 -12.34 -6.29 -20.90
N LYS C 123 -11.57 -7.25 -21.38
CA LYS C 123 -10.74 -7.02 -22.57
C LYS C 123 -11.60 -6.74 -23.80
N ALA C 124 -12.83 -7.23 -23.84
CA ALA C 124 -13.74 -6.90 -24.95
C ALA C 124 -14.35 -5.51 -24.80
N GLY C 125 -14.15 -4.85 -23.66
CA GLY C 125 -14.63 -3.50 -23.46
C GLY C 125 -15.93 -3.35 -22.69
N VAL C 126 -16.35 -4.40 -21.95
CA VAL C 126 -17.69 -4.42 -21.37
C VAL C 126 -17.78 -3.37 -20.24
N THR C 127 -18.96 -2.76 -20.10
CA THR C 127 -19.08 -1.71 -19.07
C THR C 127 -19.11 -2.33 -17.67
N TYR C 128 -19.85 -3.43 -17.50
CA TYR C 128 -20.02 -4.13 -16.23
C TYR C 128 -19.77 -5.59 -16.49
N VAL C 129 -19.24 -6.30 -15.48
CA VAL C 129 -19.20 -7.76 -15.53
C VAL C 129 -19.90 -8.32 -14.30
N SER C 130 -20.73 -9.35 -14.50
CA SER C 130 -21.59 -9.89 -13.44
C SER C 130 -21.21 -11.31 -13.06
N PRO C 131 -20.30 -11.51 -12.09
CA PRO C 131 -20.05 -12.86 -11.54
C PRO C 131 -21.20 -13.27 -10.60
N PHE C 132 -21.57 -14.56 -10.67
CA PHE C 132 -22.76 -15.13 -10.02
C PHE C 132 -22.36 -15.84 -8.74
N VAL C 133 -22.34 -15.12 -7.62
CA VAL C 133 -21.80 -15.75 -6.40
C VAL C 133 -22.72 -16.84 -5.84
N GLY C 134 -24.04 -16.64 -5.90
CA GLY C 134 -24.97 -17.58 -5.28
C GLY C 134 -24.97 -18.94 -5.99
N ARG C 135 -24.84 -18.90 -7.30
CA ARG C 135 -24.80 -20.19 -8.02
C ARG C 135 -23.49 -20.93 -7.81
N LEU C 136 -22.41 -20.21 -7.48
CA LEU C 136 -21.19 -20.91 -7.08
C LEU C 136 -21.39 -21.53 -5.70
N ASP C 137 -21.97 -20.76 -4.76
CA ASP C 137 -22.31 -21.32 -3.45
C ASP C 137 -23.12 -22.61 -3.61
N ASP C 138 -24.00 -22.64 -4.60
CA ASP C 138 -24.87 -23.79 -4.84
C ASP C 138 -24.07 -25.02 -5.15
N ILE C 139 -22.95 -24.87 -5.86
CA ILE C 139 -22.14 -26.02 -6.26
C ILE C 139 -20.94 -26.22 -5.33
N GLY C 140 -20.98 -25.64 -4.13
CA GLY C 140 -20.04 -25.93 -3.07
C GLY C 140 -18.70 -25.23 -3.19
N GLU C 141 -18.67 -24.08 -3.85
CA GLU C 141 -17.51 -23.20 -3.89
C GLU C 141 -17.92 -21.85 -3.35
N ASP C 142 -17.08 -21.23 -2.50
CA ASP C 142 -17.47 -19.95 -1.92
C ASP C 142 -17.35 -18.88 -3.00
N GLY C 143 -18.51 -18.41 -3.46
CA GLY C 143 -18.50 -17.55 -4.63
C GLY C 143 -17.80 -16.23 -4.39
N MET C 144 -17.74 -15.77 -3.13
CA MET C 144 -17.11 -14.47 -2.89
C MET C 144 -15.62 -14.50 -3.17
N GLN C 145 -15.01 -15.68 -3.13
N GLN C 145 -15.00 -15.69 -3.13
CA GLN C 145 -13.57 -15.74 -3.43
CA GLN C 145 -13.57 -15.78 -3.45
C GLN C 145 -13.30 -15.35 -4.89
C GLN C 145 -13.31 -15.33 -4.89
N ILE C 146 -14.25 -15.59 -5.80
CA ILE C 146 -14.05 -15.18 -7.19
C ILE C 146 -14.12 -13.66 -7.29
N ILE C 147 -15.01 -13.04 -6.50
CA ILE C 147 -15.09 -11.57 -6.51
C ILE C 147 -13.77 -10.98 -6.05
N ASP C 148 -13.19 -11.58 -5.00
CA ASP C 148 -11.91 -11.08 -4.47
C ASP C 148 -10.82 -11.19 -5.54
N MET C 149 -10.76 -12.31 -6.29
CA MET C 149 -9.73 -12.41 -7.32
C MET C 149 -9.97 -11.43 -8.46
N ILE C 150 -11.23 -11.25 -8.87
CA ILE C 150 -11.52 -10.28 -9.94
C ILE C 150 -11.10 -8.88 -9.52
N ARG C 151 -11.38 -8.49 -8.28
CA ARG C 151 -10.99 -7.16 -7.81
C ARG C 151 -9.47 -7.00 -7.89
N THR C 152 -8.74 -8.01 -7.48
CA THR C 152 -7.28 -7.93 -7.56
C THR C 152 -6.82 -7.80 -9.00
N ILE C 153 -7.35 -8.66 -9.88
CA ILE C 153 -6.94 -8.63 -11.27
C ILE C 153 -7.27 -7.26 -11.87
N PHE C 154 -8.47 -6.77 -11.63
CA PHE C 154 -8.82 -5.48 -12.21
C PHE C 154 -7.94 -4.36 -11.66
N ASN C 155 -7.64 -4.39 -10.36
CA ASN C 155 -6.72 -3.41 -9.79
C ASN C 155 -5.35 -3.46 -10.47
N ASN C 156 -4.88 -4.69 -10.77
CA ASN C 156 -3.54 -4.88 -11.33
C ASN C 156 -3.38 -4.17 -12.66
N TYR C 157 -4.43 -4.17 -13.49
CA TYR C 157 -4.37 -3.65 -14.85
C TYR C 157 -5.14 -2.33 -15.01
N ILE C 158 -5.56 -1.72 -13.91
CA ILE C 158 -6.35 -0.48 -13.92
C ILE C 158 -7.54 -0.63 -14.88
N ILE C 159 -8.25 -1.75 -14.76
CA ILE C 159 -9.37 -2.02 -15.63
C ILE C 159 -10.57 -1.19 -15.20
N LYS C 160 -11.24 -0.60 -16.17
CA LYS C 160 -12.33 0.32 -15.87
C LYS C 160 -13.69 -0.34 -15.87
N THR C 161 -13.78 -1.58 -16.36
CA THR C 161 -15.00 -2.37 -16.24
C THR C 161 -15.39 -2.45 -14.77
N GLN C 162 -16.67 -2.24 -14.50
CA GLN C 162 -17.19 -2.31 -13.14
C GLN C 162 -17.55 -3.74 -12.80
N ILE C 163 -17.20 -4.16 -11.59
CA ILE C 163 -17.57 -5.46 -11.05
C ILE C 163 -18.98 -5.33 -10.46
N LEU C 164 -19.93 -6.09 -10.99
CA LEU C 164 -21.35 -6.04 -10.59
C LEU C 164 -21.68 -7.42 -10.02
N VAL C 165 -21.66 -7.54 -8.68
CA VAL C 165 -21.86 -8.84 -8.04
C VAL C 165 -23.33 -9.24 -8.16
N ALA C 166 -23.59 -10.42 -8.69
CA ALA C 166 -24.92 -10.84 -9.04
C ALA C 166 -25.17 -12.23 -8.42
N SER C 167 -26.39 -12.72 -8.56
CA SER C 167 -26.79 -13.96 -7.89
C SER C 167 -26.57 -13.82 -6.38
N ILE C 168 -27.01 -12.66 -5.83
CA ILE C 168 -26.79 -12.43 -4.41
C ILE C 168 -27.95 -13.05 -3.64
N ARG C 169 -27.63 -13.73 -2.54
CA ARG C 169 -28.63 -14.48 -1.81
C ARG C 169 -28.82 -14.00 -0.39
N ASN C 170 -27.86 -13.28 0.19
CA ASN C 170 -27.96 -12.94 1.61
C ASN C 170 -27.17 -11.66 1.88
N PRO C 171 -27.33 -11.08 3.08
CA PRO C 171 -26.61 -9.80 3.37
C PRO C 171 -25.12 -9.93 3.51
N ILE C 172 -24.59 -11.14 3.69
CA ILE C 172 -23.15 -11.31 3.85
C ILE C 172 -22.47 -11.33 2.49
N HIS C 173 -23.14 -11.79 1.43
CA HIS C 173 -22.65 -11.50 0.09
C HIS C 173 -22.46 -9.99 -0.09
N VAL C 174 -23.41 -9.21 0.41
CA VAL C 174 -23.34 -7.74 0.26
C VAL C 174 -22.20 -7.17 1.10
N LEU C 175 -22.11 -7.59 2.36
CA LEU C 175 -21.03 -7.11 3.24
C LEU C 175 -19.66 -7.45 2.67
N ARG C 176 -19.50 -8.72 2.23
CA ARG C 176 -18.17 -9.11 1.75
C ARG C 176 -17.82 -8.37 0.46
N SER C 177 -18.82 -8.11 -0.39
CA SER C 177 -18.61 -7.35 -1.61
C SER C 177 -18.09 -5.97 -1.29
N ALA C 178 -18.67 -5.32 -0.28
CA ALA C 178 -18.24 -3.96 0.07
C ALA C 178 -16.83 -3.96 0.65
N VAL C 179 -16.52 -4.95 1.47
CA VAL C 179 -15.17 -5.00 2.04
C VAL C 179 -14.11 -5.27 0.97
N ILE C 180 -14.44 -6.15 0.01
CA ILE C 180 -13.54 -6.39 -1.12
C ILE C 180 -13.38 -5.14 -1.98
N GLY C 181 -14.49 -4.41 -2.18
CA GLY C 181 -14.49 -3.22 -3.01
C GLY C 181 -15.12 -3.41 -4.37
N ALA C 182 -16.08 -4.33 -4.50
CA ALA C 182 -16.81 -4.44 -5.76
C ALA C 182 -17.51 -3.12 -6.08
N ASP C 183 -17.63 -2.81 -7.36
CA ASP C 183 -18.25 -1.55 -7.79
C ASP C 183 -19.75 -1.49 -7.51
N VAL C 184 -20.43 -2.62 -7.67
CA VAL C 184 -21.90 -2.66 -7.66
C VAL C 184 -22.27 -4.01 -7.07
N VAL C 185 -23.38 -4.05 -6.35
CA VAL C 185 -24.08 -5.29 -6.05
C VAL C 185 -25.49 -5.14 -6.60
N THR C 186 -26.04 -6.24 -7.08
CA THR C 186 -27.45 -6.23 -7.47
C THR C 186 -28.17 -7.28 -6.62
N VAL C 187 -29.26 -6.89 -5.97
CA VAL C 187 -29.81 -7.71 -4.86
C VAL C 187 -31.30 -7.90 -5.06
N PRO C 188 -31.86 -9.07 -4.72
CA PRO C 188 -33.32 -9.19 -4.67
C PRO C 188 -33.92 -8.28 -3.61
N PHE C 189 -35.21 -8.01 -3.78
CA PHE C 189 -35.88 -7.06 -2.90
C PHE C 189 -35.85 -7.49 -1.44
N ASN C 190 -36.07 -8.78 -1.17
N ASN C 190 -36.06 -8.77 -1.15
CA ASN C 190 -36.04 -9.26 0.22
CA ASN C 190 -36.07 -9.16 0.25
C ASN C 190 -34.69 -8.98 0.86
C ASN C 190 -34.69 -9.04 0.89
N VAL C 191 -33.62 -9.18 0.11
CA VAL C 191 -32.28 -8.89 0.64
C VAL C 191 -32.15 -7.38 0.86
N LEU C 192 -32.52 -6.57 -0.14
CA LEU C 192 -32.47 -5.10 0.00
C LEU C 192 -33.10 -4.64 1.30
N LYS C 193 -34.33 -5.09 1.55
CA LYS C 193 -35.09 -4.67 2.72
C LYS C 193 -34.36 -5.03 4.02
N SER C 194 -33.73 -6.21 4.05
CA SER C 194 -33.05 -6.62 5.26
C SER C 194 -31.82 -5.77 5.57
N LEU C 195 -31.23 -5.13 4.55
CA LEU C 195 -29.97 -4.41 4.77
C LEU C 195 -30.14 -3.22 5.69
N MET C 196 -31.33 -2.63 5.72
CA MET C 196 -31.52 -1.49 6.59
C MET C 196 -31.74 -1.88 8.05
N LYS C 197 -31.99 -3.15 8.35
CA LYS C 197 -32.60 -3.51 9.62
C LYS C 197 -31.57 -4.10 10.57
N HIS C 198 -31.80 -3.91 11.87
CA HIS C 198 -31.02 -4.60 12.89
C HIS C 198 -31.84 -4.63 14.16
N PRO C 199 -31.83 -5.72 14.95
CA PRO C 199 -32.65 -5.75 16.17
C PRO C 199 -32.22 -4.72 17.22
N LYS C 200 -30.95 -4.32 17.24
CA LYS C 200 -30.51 -3.31 18.19
C LYS C 200 -30.97 -1.93 17.72
N THR C 201 -31.21 -1.75 16.42
CA THR C 201 -31.80 -0.48 15.99
C THR C 201 -33.22 -0.39 16.52
N ASP C 202 -33.98 -1.49 16.39
CA ASP C 202 -35.34 -1.51 16.89
C ASP C 202 -35.38 -1.24 18.40
N GLU C 203 -34.55 -1.96 19.15
CA GLU C 203 -34.57 -1.84 20.60
C GLU C 203 -34.19 -0.42 21.01
N GLY C 204 -33.22 0.15 20.30
CA GLY C 204 -32.74 1.47 20.68
C GLY C 204 -33.81 2.52 20.44
N LEU C 205 -34.52 2.41 19.32
CA LEU C 205 -35.63 3.32 19.05
C LEU C 205 -36.70 3.22 20.13
N ALA C 206 -36.98 2.00 20.64
CA ALA C 206 -38.01 1.88 21.67
C ALA C 206 -37.56 2.48 22.99
N LYS C 207 -36.28 2.28 23.35
CA LYS C 207 -35.75 2.85 24.58
C LYS C 207 -35.74 4.38 24.53
N PHE C 208 -35.31 4.95 23.40
CA PHE C 208 -35.34 6.40 23.24
C PHE C 208 -36.76 6.94 23.36
N LEU C 209 -37.75 6.22 22.80
CA LEU C 209 -39.14 6.66 22.90
C LEU C 209 -39.57 6.74 24.35
N GLU C 210 -39.28 5.68 25.11
CA GLU C 210 -39.71 5.58 26.49
C GLU C 210 -39.04 6.66 27.35
N ALA C 211 -37.75 6.91 27.13
CA ALA C 211 -37.08 7.93 27.92
C ALA C 211 -37.68 9.30 27.62
N TRP C 212 -38.02 9.56 26.36
CA TRP C 212 -38.52 10.87 25.99
C TRP C 212 -39.91 11.11 26.56
N LYS C 213 -40.69 10.05 26.78
CA LYS C 213 -42.02 10.26 27.36
C LYS C 213 -41.92 10.78 28.78
N LYS C 214 -40.80 10.53 29.47
CA LYS C 214 -40.60 11.10 30.79
C LYS C 214 -40.55 12.63 30.77
N VAL C 215 -40.13 13.20 29.65
CA VAL C 215 -39.94 14.65 29.56
C VAL C 215 -40.95 15.29 28.63
N SER C 216 -41.65 14.53 27.81
CA SER C 216 -42.64 15.06 26.87
C SER C 216 -43.72 13.99 26.70
N PRO C 217 -44.85 14.13 27.38
CA PRO C 217 -45.87 13.05 27.34
C PRO C 217 -46.43 12.79 25.95
N ASP C 218 -46.55 13.80 25.10
CA ASP C 218 -47.06 13.61 23.74
C ASP C 218 -46.01 13.06 22.79
N GLY C 219 -44.75 12.96 23.20
CA GLY C 219 -43.72 12.37 22.36
C GLY C 219 -43.27 13.20 21.17
N LYS C 220 -43.22 14.52 21.32
CA LYS C 220 -42.75 15.42 20.26
C LYS C 220 -41.50 16.17 20.72
N LEU C 221 -40.78 16.74 19.74
CA LEU C 221 -39.62 17.60 20.00
C LEU C 221 -40.02 19.02 19.64
N ILE C 222 -40.36 19.81 20.66
CA ILE C 222 -40.84 21.18 20.49
C ILE C 222 -39.68 22.13 20.73
N LEU C 223 -39.26 22.83 19.67
CA LEU C 223 -38.12 23.73 19.72
C LEU C 223 -38.43 25.08 19.07
N MET D 1 -4.23 -7.62 -18.77
CA MET D 1 -3.31 -8.67 -19.22
C MET D 1 -3.52 -8.95 -20.71
N LYS D 2 -2.45 -8.90 -21.51
CA LYS D 2 -2.56 -9.23 -22.93
C LYS D 2 -2.51 -10.73 -23.08
N ILE D 3 -3.22 -11.25 -24.09
CA ILE D 3 -3.24 -12.69 -24.35
C ILE D 3 -2.72 -12.92 -25.76
N PHE D 4 -1.60 -13.66 -25.89
CA PHE D 4 -1.02 -14.04 -27.17
C PHE D 4 -1.33 -15.51 -27.46
N LEU D 5 -1.34 -15.88 -28.74
CA LEU D 5 -1.52 -17.27 -29.14
C LEU D 5 -0.17 -17.92 -29.43
N ASP D 6 0.07 -19.09 -28.81
CA ASP D 6 1.38 -19.77 -28.86
C ASP D 6 1.27 -20.93 -29.86
N THR D 7 1.42 -20.57 -31.14
CA THR D 7 1.25 -21.57 -32.19
C THR D 7 1.80 -20.96 -33.48
N ALA D 8 2.11 -21.84 -34.43
CA ALA D 8 2.33 -21.46 -35.83
C ALA D 8 1.22 -21.99 -36.73
N ASN D 9 0.16 -22.56 -36.16
CA ASN D 9 -0.95 -23.07 -36.95
C ASN D 9 -1.83 -21.93 -37.46
N ILE D 10 -1.90 -21.77 -38.78
CA ILE D 10 -2.59 -20.62 -39.38
C ILE D 10 -4.08 -20.64 -39.04
N ASP D 11 -4.70 -21.83 -39.06
CA ASP D 11 -6.13 -21.89 -38.78
C ASP D 11 -6.42 -21.48 -37.35
N GLU D 12 -5.65 -22.01 -36.38
CA GLU D 12 -5.86 -21.63 -34.99
C GLU D 12 -5.73 -20.13 -34.83
N ILE D 13 -4.71 -19.54 -35.45
CA ILE D 13 -4.48 -18.10 -35.35
C ILE D 13 -5.65 -17.34 -35.97
N ARG D 14 -6.06 -17.74 -37.17
CA ARG D 14 -7.22 -17.11 -37.81
C ARG D 14 -8.46 -17.23 -36.95
N THR D 15 -8.72 -18.43 -36.40
CA THR D 15 -9.88 -18.61 -35.55
C THR D 15 -9.82 -17.70 -34.33
N GLY D 16 -8.68 -17.69 -33.62
CA GLY D 16 -8.59 -16.93 -32.39
C GLY D 16 -8.64 -15.43 -32.61
N VAL D 17 -8.08 -14.96 -33.72
CA VAL D 17 -8.18 -13.54 -34.04
C VAL D 17 -9.64 -13.18 -34.34
N ASN D 18 -10.35 -14.03 -35.10
CA ASN D 18 -11.78 -13.83 -35.33
C ASN D 18 -12.58 -13.70 -34.03
N TRP D 19 -12.03 -14.18 -32.91
CA TRP D 19 -12.73 -14.09 -31.62
C TRP D 19 -12.54 -12.74 -30.94
N GLY D 20 -11.52 -11.99 -31.33
CA GLY D 20 -11.25 -10.70 -30.74
C GLY D 20 -10.59 -10.69 -29.38
N ILE D 21 -10.07 -11.83 -28.91
CA ILE D 21 -9.43 -11.88 -27.59
C ILE D 21 -7.93 -12.17 -27.69
N VAL D 22 -7.40 -12.18 -28.92
CA VAL D 22 -6.00 -12.48 -29.18
C VAL D 22 -5.28 -11.18 -29.53
N ASP D 23 -4.24 -10.84 -28.76
CA ASP D 23 -3.51 -9.59 -28.92
C ASP D 23 -2.18 -9.76 -29.65
N GLY D 24 -1.75 -11.01 -29.89
CA GLY D 24 -0.53 -11.25 -30.65
C GLY D 24 -0.26 -12.75 -30.67
N VAL D 25 0.92 -13.10 -31.19
CA VAL D 25 1.31 -14.49 -31.42
C VAL D 25 2.78 -14.67 -31.08
N THR D 26 3.11 -15.80 -30.45
CA THR D 26 4.48 -16.25 -30.29
C THR D 26 4.68 -17.58 -31.02
N THR D 27 5.81 -17.70 -31.70
CA THR D 27 6.29 -18.94 -32.30
C THR D 27 7.68 -19.32 -31.77
N ASN D 28 8.14 -20.51 -32.18
CA ASN D 28 9.50 -20.97 -31.94
C ASN D 28 9.83 -21.98 -33.01
N PRO D 29 11.11 -22.40 -33.12
CA PRO D 29 11.46 -23.34 -34.22
C PRO D 29 10.69 -24.64 -34.21
N THR D 30 10.33 -25.20 -33.04
CA THR D 30 9.57 -26.45 -33.04
C THR D 30 8.16 -26.23 -33.57
N LEU D 31 7.49 -25.16 -33.13
CA LEU D 31 6.12 -24.88 -33.56
C LEU D 31 6.05 -24.59 -35.05
N ILE D 32 7.08 -23.94 -35.60
CA ILE D 32 7.12 -23.68 -37.02
C ILE D 32 7.40 -24.98 -37.78
N SER D 33 8.28 -25.83 -37.24
CA SER D 33 8.67 -27.05 -37.96
C SER D 33 7.53 -28.03 -38.07
N LYS D 34 6.62 -28.00 -37.09
CA LYS D 34 5.45 -28.87 -37.12
C LYS D 34 4.49 -28.46 -38.25
N GLU D 35 4.51 -27.19 -38.66
CA GLU D 35 3.66 -26.70 -39.73
C GLU D 35 4.35 -26.65 -41.08
N ALA D 36 5.67 -26.71 -41.12
CA ALA D 36 6.42 -26.65 -42.38
C ALA D 36 6.57 -28.05 -42.97
N VAL D 37 5.41 -28.67 -43.22
CA VAL D 37 5.35 -30.03 -43.74
C VAL D 37 4.38 -30.06 -44.92
N ASN D 38 4.55 -31.07 -45.77
CA ASN D 38 3.73 -31.27 -46.95
C ASN D 38 3.80 -30.07 -47.90
N GLY D 39 5.03 -29.60 -48.12
CA GLY D 39 5.31 -28.57 -49.11
C GLY D 39 5.47 -27.17 -48.54
N LYS D 40 4.79 -26.85 -47.45
CA LYS D 40 4.84 -25.51 -46.90
C LYS D 40 6.22 -25.21 -46.36
N LYS D 41 6.70 -23.99 -46.61
CA LYS D 41 8.03 -23.56 -46.19
C LYS D 41 7.92 -22.57 -45.05
N TYR D 42 8.95 -22.54 -44.19
CA TYR D 42 8.87 -21.76 -42.95
C TYR D 42 8.68 -20.28 -43.22
N GLY D 43 9.23 -19.78 -44.33
CA GLY D 43 9.10 -18.36 -44.62
C GLY D 43 7.69 -17.96 -45.00
N ASP D 44 6.98 -18.84 -45.71
CA ASP D 44 5.58 -18.55 -46.00
C ASP D 44 4.77 -18.49 -44.71
N ILE D 45 5.02 -19.43 -43.80
CA ILE D 45 4.26 -19.48 -42.56
C ILE D 45 4.43 -18.18 -41.78
N ILE D 46 5.66 -17.70 -41.63
CA ILE D 46 5.92 -16.50 -40.84
C ILE D 46 5.27 -15.29 -41.48
N ARG D 47 5.51 -15.09 -42.78
CA ARG D 47 4.92 -13.96 -43.49
C ARG D 47 3.40 -13.98 -43.39
N GLU D 48 2.81 -15.18 -43.44
CA GLU D 48 1.35 -15.25 -43.40
C GLU D 48 0.83 -14.92 -42.01
N ILE D 49 1.53 -15.37 -40.97
CA ILE D 49 1.11 -15.00 -39.62
C ILE D 49 1.26 -13.49 -39.42
N LEU D 50 2.36 -12.92 -39.91
CA LEU D 50 2.54 -11.47 -39.76
C LEU D 50 1.39 -10.73 -40.40
N LYS D 51 0.91 -11.22 -41.55
CA LYS D 51 -0.19 -10.58 -42.25
C LYS D 51 -1.49 -10.64 -41.45
N ILE D 52 -1.79 -11.80 -40.84
CA ILE D 52 -3.08 -12.00 -40.18
C ILE D 52 -3.15 -11.19 -38.89
N VAL D 53 -2.05 -11.14 -38.12
CA VAL D 53 -2.04 -10.67 -36.74
C VAL D 53 -1.60 -9.21 -36.72
N ASP D 54 -2.48 -8.33 -36.22
CA ASP D 54 -2.12 -6.92 -36.09
C ASP D 54 -1.13 -6.68 -34.96
N GLY D 55 -1.19 -7.47 -33.88
CA GLY D 55 -0.35 -7.23 -32.73
C GLY D 55 1.05 -7.80 -32.90
N PRO D 56 1.82 -7.85 -31.81
CA PRO D 56 3.18 -8.39 -31.90
C PRO D 56 3.19 -9.85 -32.33
N VAL D 57 4.18 -10.19 -33.15
CA VAL D 57 4.40 -11.57 -33.58
C VAL D 57 5.86 -11.88 -33.30
N SER D 58 6.10 -12.79 -32.37
CA SER D 58 7.45 -13.15 -31.95
C SER D 58 7.98 -14.29 -32.82
N VAL D 59 9.19 -14.09 -33.37
CA VAL D 59 9.81 -15.00 -34.33
C VAL D 59 11.23 -15.23 -33.88
N GLU D 60 11.61 -16.50 -33.70
CA GLU D 60 12.88 -16.82 -33.02
C GLU D 60 14.04 -16.95 -33.99
N VAL D 61 15.20 -16.42 -33.59
CA VAL D 61 16.41 -16.60 -34.39
C VAL D 61 16.91 -18.02 -34.21
N VAL D 62 17.58 -18.52 -35.23
CA VAL D 62 18.16 -19.86 -35.15
C VAL D 62 19.67 -19.86 -34.92
N SER D 63 20.38 -18.78 -35.26
N SER D 63 20.37 -18.76 -35.24
CA SER D 63 21.81 -18.76 -34.97
CA SER D 63 21.80 -18.66 -34.93
C SER D 63 22.05 -18.69 -33.46
C SER D 63 22.01 -18.74 -33.43
N THR D 64 23.18 -19.25 -33.04
CA THR D 64 23.61 -19.24 -31.65
C THR D 64 24.68 -18.22 -31.37
N LYS D 65 25.26 -17.61 -32.41
CA LYS D 65 26.34 -16.65 -32.24
C LYS D 65 25.84 -15.23 -32.44
N TYR D 66 26.50 -14.29 -31.76
CA TYR D 66 26.05 -12.89 -31.76
C TYR D 66 25.83 -12.34 -33.16
N GLU D 67 26.83 -12.46 -34.04
N GLU D 67 26.82 -12.48 -34.05
CA GLU D 67 26.71 -11.82 -35.36
CA GLU D 67 26.74 -11.83 -35.35
C GLU D 67 25.56 -12.43 -36.17
C GLU D 67 25.61 -12.44 -36.21
N GLY D 68 25.41 -13.75 -36.13
CA GLY D 68 24.29 -14.36 -36.83
C GLY D 68 22.95 -13.94 -36.25
N MET D 69 22.86 -13.82 -34.92
CA MET D 69 21.60 -13.42 -34.31
C MET D 69 21.20 -12.01 -34.75
N VAL D 70 22.15 -11.09 -34.74
CA VAL D 70 21.81 -9.72 -35.10
C VAL D 70 21.48 -9.62 -36.59
N GLU D 71 22.20 -10.37 -37.44
CA GLU D 71 21.84 -10.39 -38.86
C GLU D 71 20.45 -10.97 -39.08
N GLU D 72 20.16 -12.11 -38.43
N GLU D 72 20.16 -12.12 -38.45
CA GLU D 72 18.83 -12.70 -38.48
CA GLU D 72 18.80 -12.67 -38.54
C GLU D 72 17.76 -11.76 -37.98
C GLU D 72 17.78 -11.68 -38.02
N ALA D 73 18.06 -11.03 -36.90
CA ALA D 73 17.07 -10.14 -36.29
C ALA D 73 16.72 -8.98 -37.19
N ARG D 74 17.71 -8.44 -37.92
CA ARG D 74 17.41 -7.34 -38.83
C ARG D 74 16.57 -7.81 -40.02
N LYS D 75 16.80 -9.04 -40.50
CA LYS D 75 15.94 -9.60 -41.53
C LYS D 75 14.52 -9.80 -41.02
N ILE D 76 14.38 -10.36 -39.81
CA ILE D 76 13.05 -10.54 -39.23
C ILE D 76 12.35 -9.19 -39.09
N HIS D 77 13.06 -8.19 -38.55
CA HIS D 77 12.50 -6.85 -38.42
C HIS D 77 12.00 -6.31 -39.76
N GLY D 78 12.68 -6.67 -40.85
CA GLY D 78 12.28 -6.20 -42.17
C GLY D 78 11.02 -6.85 -42.72
N LEU D 79 10.57 -7.95 -42.12
CA LEU D 79 9.33 -8.59 -42.59
C LEU D 79 8.09 -7.79 -42.26
N GLY D 80 8.15 -6.95 -41.23
CA GLY D 80 7.01 -6.15 -40.81
C GLY D 80 7.25 -5.49 -39.46
N ASP D 81 6.62 -4.33 -39.23
CA ASP D 81 6.95 -3.61 -38.01
C ASP D 81 6.36 -4.26 -36.76
N ASN D 82 5.45 -5.23 -36.91
CA ASN D 82 4.92 -5.94 -35.75
C ASN D 82 5.76 -7.16 -35.37
N ALA D 83 6.85 -7.43 -36.10
CA ALA D 83 7.73 -8.54 -35.76
C ALA D 83 8.53 -8.23 -34.50
N VAL D 84 8.61 -9.24 -33.60
CA VAL D 84 9.43 -9.17 -32.40
C VAL D 84 10.41 -10.33 -32.48
N VAL D 85 11.69 -10.05 -32.21
CA VAL D 85 12.75 -11.02 -32.42
C VAL D 85 12.97 -11.78 -31.12
N LYS D 86 12.78 -13.10 -31.17
CA LYS D 86 12.93 -13.93 -29.99
C LYS D 86 14.37 -14.42 -29.91
N ILE D 87 15.01 -14.18 -28.75
CA ILE D 87 16.44 -14.46 -28.57
C ILE D 87 16.63 -15.22 -27.28
N PRO D 88 17.39 -16.30 -27.24
CA PRO D 88 17.55 -17.05 -26.00
C PRO D 88 18.43 -16.34 -24.98
N MET D 89 18.23 -16.73 -23.73
CA MET D 89 19.01 -16.23 -22.59
C MET D 89 20.38 -16.91 -22.64
N THR D 90 21.33 -16.33 -23.40
CA THR D 90 22.72 -16.80 -23.44
C THR D 90 23.61 -15.57 -23.42
N GLU D 91 24.93 -15.77 -23.27
CA GLU D 91 25.81 -14.60 -23.30
C GLU D 91 25.71 -13.86 -24.63
N ASP D 92 25.79 -14.60 -25.74
N ASP D 92 25.76 -14.59 -25.74
CA ASP D 92 25.60 -13.99 -27.06
CA ASP D 92 25.62 -13.91 -27.03
C ASP D 92 24.23 -13.33 -27.17
C ASP D 92 24.22 -13.36 -27.24
N GLY D 93 23.18 -13.99 -26.66
CA GLY D 93 21.85 -13.42 -26.76
C GLY D 93 21.70 -12.10 -26.03
N LEU D 94 22.27 -11.99 -24.83
CA LEU D 94 22.22 -10.70 -24.13
C LEU D 94 22.96 -9.63 -24.91
N ARG D 95 24.13 -9.97 -25.47
CA ARG D 95 24.82 -9.00 -26.30
C ARG D 95 23.95 -8.58 -27.48
N ALA D 96 23.27 -9.55 -28.11
CA ALA D 96 22.42 -9.22 -29.25
C ALA D 96 21.25 -8.35 -28.83
N ILE D 97 20.61 -8.66 -27.69
CA ILE D 97 19.48 -7.85 -27.24
C ILE D 97 19.93 -6.40 -27.03
N LYS D 98 21.09 -6.20 -26.40
CA LYS D 98 21.55 -4.84 -26.16
C LYS D 98 21.78 -4.11 -27.47
N THR D 99 22.42 -4.77 -28.44
CA THR D 99 22.60 -4.14 -29.75
C THR D 99 21.26 -3.83 -30.41
N LEU D 100 20.36 -4.81 -30.46
CA LEU D 100 19.09 -4.60 -31.15
C LEU D 100 18.23 -3.56 -30.45
N SER D 101 18.30 -3.52 -29.11
N SER D 101 18.28 -3.54 -29.11
CA SER D 101 17.52 -2.53 -28.36
CA SER D 101 17.55 -2.54 -28.34
C SER D 101 17.92 -1.11 -28.76
C SER D 101 17.93 -1.14 -28.81
N SER D 102 19.22 -0.91 -29.04
CA SER D 102 19.68 0.41 -29.48
C SER D 102 19.22 0.75 -30.88
N GLU D 103 18.91 -0.26 -31.68
CA GLU D 103 18.42 -0.10 -33.04
C GLU D 103 16.91 0.02 -33.08
N HIS D 104 16.27 0.05 -31.92
CA HIS D 104 14.83 0.11 -31.81
C HIS D 104 14.16 -1.05 -32.54
N ILE D 105 14.76 -2.24 -32.40
CA ILE D 105 14.18 -3.49 -32.85
C ILE D 105 13.62 -4.19 -31.62
N ASN D 106 12.34 -4.55 -31.63
CA ASN D 106 11.73 -5.14 -30.45
C ASN D 106 12.20 -6.58 -30.27
N THR D 107 12.35 -6.98 -29.01
CA THR D 107 12.97 -8.27 -28.68
C THR D 107 12.21 -9.01 -27.59
N ASN D 108 12.41 -10.33 -27.56
CA ASN D 108 11.71 -11.20 -26.62
C ASN D 108 12.73 -12.23 -26.17
N CYS D 109 13.14 -12.17 -24.90
CA CYS D 109 14.16 -13.10 -24.40
C CYS D 109 13.47 -14.37 -23.91
N THR D 110 13.89 -15.51 -24.45
CA THR D 110 13.18 -16.77 -24.21
C THR D 110 14.10 -17.74 -23.47
N LEU D 111 13.55 -18.88 -23.06
CA LEU D 111 14.31 -19.90 -22.30
C LEU D 111 14.85 -19.34 -20.99
N VAL D 112 13.95 -18.63 -20.29
CA VAL D 112 14.19 -18.05 -18.98
C VAL D 112 13.53 -18.93 -17.94
N PHE D 113 14.30 -19.33 -16.91
CA PHE D 113 13.82 -20.29 -15.92
C PHE D 113 14.01 -19.83 -14.48
N ASN D 114 14.53 -18.62 -14.22
CA ASN D 114 14.57 -18.11 -12.86
C ASN D 114 14.49 -16.59 -12.92
N PRO D 115 14.28 -15.93 -11.77
CA PRO D 115 14.03 -14.47 -11.82
C PRO D 115 15.25 -13.66 -12.18
N ILE D 116 16.45 -14.13 -11.81
CA ILE D 116 17.62 -13.33 -12.12
C ILE D 116 17.96 -13.38 -13.59
N GLN D 117 17.75 -14.53 -14.26
CA GLN D 117 17.83 -14.52 -15.73
C GLN D 117 16.91 -13.46 -16.32
N ALA D 118 15.66 -13.39 -15.82
CA ALA D 118 14.74 -12.39 -16.32
C ALA D 118 15.24 -10.96 -16.07
N LEU D 119 15.79 -10.70 -14.88
CA LEU D 119 16.36 -9.37 -14.59
C LEU D 119 17.48 -9.02 -15.56
N LEU D 120 18.40 -9.97 -15.82
CA LEU D 120 19.49 -9.67 -16.75
C LEU D 120 18.97 -9.33 -18.15
N ALA D 121 17.93 -10.03 -18.60
CA ALA D 121 17.33 -9.72 -19.90
C ALA D 121 16.73 -8.32 -19.91
N ALA D 122 16.06 -7.94 -18.82
CA ALA D 122 15.55 -6.58 -18.70
C ALA D 122 16.69 -5.56 -18.73
N LYS D 123 17.81 -5.87 -18.06
CA LYS D 123 18.91 -4.91 -18.05
C LYS D 123 19.55 -4.76 -19.43
N ALA D 124 19.46 -5.77 -20.28
CA ALA D 124 19.95 -5.61 -21.64
C ALA D 124 18.98 -4.82 -22.50
N GLY D 125 17.81 -4.46 -22.00
CA GLY D 125 16.87 -3.63 -22.74
C GLY D 125 15.77 -4.40 -23.47
N VAL D 126 15.54 -5.68 -23.11
CA VAL D 126 14.61 -6.52 -23.88
C VAL D 126 13.16 -6.02 -23.75
N THR D 127 12.37 -6.17 -24.82
CA THR D 127 10.99 -5.69 -24.77
C THR D 127 10.11 -6.62 -23.92
N TYR D 128 10.33 -7.94 -24.05
CA TYR D 128 9.56 -8.96 -23.36
C TYR D 128 10.53 -9.99 -22.83
N VAL D 129 10.20 -10.58 -21.67
CA VAL D 129 10.94 -11.72 -21.15
C VAL D 129 9.93 -12.85 -20.97
N SER D 130 10.32 -14.06 -21.35
CA SER D 130 9.42 -15.21 -21.40
C SER D 130 9.93 -16.31 -20.49
N PRO D 131 9.56 -16.28 -19.21
CA PRO D 131 9.80 -17.46 -18.35
C PRO D 131 8.88 -18.61 -18.67
N PHE D 132 9.39 -19.84 -18.54
CA PHE D 132 8.70 -21.03 -19.07
C PHE D 132 8.09 -21.82 -17.91
N VAL D 133 6.82 -21.54 -17.56
CA VAL D 133 6.28 -22.11 -16.32
C VAL D 133 6.08 -23.64 -16.46
N GLY D 134 5.57 -24.09 -17.59
CA GLY D 134 5.27 -25.52 -17.73
C GLY D 134 6.51 -26.39 -17.66
N ARG D 135 7.65 -25.90 -18.19
CA ARG D 135 8.86 -26.72 -18.12
C ARG D 135 9.45 -26.75 -16.74
N LEU D 136 9.17 -25.73 -15.91
CA LEU D 136 9.53 -25.81 -14.50
C LEU D 136 8.64 -26.81 -13.78
N ASP D 137 7.31 -26.76 -14.06
CA ASP D 137 6.39 -27.74 -13.50
C ASP D 137 6.86 -29.14 -13.83
N ASP D 138 7.38 -29.34 -15.05
CA ASP D 138 7.82 -30.68 -15.47
C ASP D 138 8.92 -31.21 -14.56
N ILE D 139 9.75 -30.32 -14.00
CA ILE D 139 10.89 -30.76 -13.18
C ILE D 139 10.62 -30.59 -11.70
N GLY D 140 9.35 -30.42 -11.34
CA GLY D 140 8.98 -30.55 -9.97
C GLY D 140 9.10 -29.28 -9.17
N GLU D 141 9.16 -28.11 -9.84
N GLU D 141 9.15 -28.10 -9.81
CA GLU D 141 9.08 -26.79 -9.21
CA GLU D 141 9.04 -26.84 -9.06
C GLU D 141 7.82 -26.09 -9.72
C GLU D 141 7.92 -26.03 -9.68
N ASP D 142 7.09 -25.42 -8.83
CA ASP D 142 5.92 -24.68 -9.27
C ASP D 142 6.37 -23.43 -10.04
N GLY D 143 6.21 -23.47 -11.36
CA GLY D 143 6.72 -22.41 -12.21
C GLY D 143 6.11 -21.06 -11.92
N MET D 144 4.87 -21.02 -11.42
CA MET D 144 4.25 -19.71 -11.18
C MET D 144 4.96 -18.94 -10.09
N GLN D 145 5.70 -19.60 -9.19
N GLN D 145 5.68 -19.63 -9.19
CA GLN D 145 6.39 -18.84 -8.16
CA GLN D 145 6.41 -18.92 -8.15
C GLN D 145 7.51 -18.00 -8.75
C GLN D 145 7.45 -18.00 -8.77
N ILE D 146 8.08 -18.43 -9.88
CA ILE D 146 9.08 -17.60 -10.55
C ILE D 146 8.40 -16.36 -11.17
N ILE D 147 7.19 -16.53 -11.72
CA ILE D 147 6.48 -15.35 -12.24
C ILE D 147 6.23 -14.35 -11.11
N ASP D 148 5.82 -14.86 -9.95
CA ASP D 148 5.56 -13.97 -8.83
C ASP D 148 6.82 -13.18 -8.41
N MET D 149 7.96 -13.85 -8.30
CA MET D 149 9.19 -13.14 -7.94
C MET D 149 9.59 -12.13 -9.03
N ILE D 150 9.45 -12.49 -10.31
CA ILE D 150 9.76 -11.54 -11.38
C ILE D 150 8.89 -10.29 -11.30
N ARG D 151 7.58 -10.46 -11.08
CA ARG D 151 6.68 -9.32 -10.95
C ARG D 151 7.13 -8.37 -9.84
N THR D 152 7.52 -8.94 -8.68
CA THR D 152 8.00 -8.14 -7.56
C THR D 152 9.29 -7.39 -7.91
N ILE D 153 10.27 -8.10 -8.50
CA ILE D 153 11.54 -7.47 -8.89
C ILE D 153 11.27 -6.35 -9.87
N PHE D 154 10.46 -6.62 -10.89
CA PHE D 154 10.24 -5.58 -11.88
C PHE D 154 9.50 -4.40 -11.26
N ASN D 155 8.57 -4.65 -10.35
CA ASN D 155 7.91 -3.53 -9.68
C ASN D 155 8.90 -2.71 -8.86
N ASN D 156 9.80 -3.38 -8.14
CA ASN D 156 10.77 -2.69 -7.30
C ASN D 156 11.55 -1.63 -8.08
N TYR D 157 11.95 -1.95 -9.30
CA TYR D 157 12.84 -1.10 -10.08
C TYR D 157 12.15 -0.38 -11.23
N ILE D 158 10.81 -0.40 -11.28
CA ILE D 158 9.99 0.24 -12.33
C ILE D 158 10.49 -0.22 -13.70
N ILE D 159 10.71 -1.51 -13.84
CA ILE D 159 11.23 -2.04 -15.09
C ILE D 159 10.12 -2.08 -16.14
N LYS D 160 10.47 -1.69 -17.36
CA LYS D 160 9.46 -1.57 -18.42
C LYS D 160 9.40 -2.79 -19.31
N THR D 161 10.36 -3.68 -19.21
CA THR D 161 10.23 -4.99 -19.86
C THR D 161 8.92 -5.65 -19.44
N GLN D 162 8.19 -6.19 -20.42
CA GLN D 162 6.93 -6.88 -20.15
C GLN D 162 7.18 -8.33 -19.79
N ILE D 163 6.47 -8.82 -18.77
CA ILE D 163 6.56 -10.23 -18.42
C ILE D 163 5.59 -10.99 -19.31
N LEU D 164 6.12 -11.97 -20.07
CA LEU D 164 5.32 -12.69 -21.07
C LEU D 164 5.36 -14.16 -20.62
N VAL D 165 4.32 -14.62 -19.91
CA VAL D 165 4.38 -15.98 -19.35
C VAL D 165 4.21 -16.98 -20.48
N ALA D 166 5.14 -17.94 -20.55
CA ALA D 166 5.17 -18.87 -21.67
C ALA D 166 5.21 -20.28 -21.12
N SER D 167 5.23 -21.26 -22.04
CA SER D 167 5.11 -22.67 -21.65
C SER D 167 3.88 -22.87 -20.79
N ILE D 168 2.75 -22.25 -21.20
CA ILE D 168 1.51 -22.36 -20.44
C ILE D 168 0.80 -23.65 -20.83
N ARG D 169 0.32 -24.36 -19.82
CA ARG D 169 -0.26 -25.69 -20.01
C ARG D 169 -1.72 -25.82 -19.60
N ASN D 170 -2.25 -24.88 -18.80
CA ASN D 170 -3.62 -25.05 -18.30
C ASN D 170 -4.17 -23.69 -17.88
N PRO D 171 -5.49 -23.60 -17.62
CA PRO D 171 -6.07 -22.28 -17.34
C PRO D 171 -5.72 -21.73 -16.00
N ILE D 172 -5.12 -22.53 -15.11
CA ILE D 172 -4.73 -22.01 -13.80
C ILE D 172 -3.38 -21.29 -13.90
N HIS D 173 -2.47 -21.70 -14.82
CA HIS D 173 -1.33 -20.82 -15.14
C HIS D 173 -1.84 -19.44 -15.54
N VAL D 174 -2.94 -19.41 -16.31
CA VAL D 174 -3.48 -18.12 -16.76
C VAL D 174 -4.10 -17.34 -15.59
N LEU D 175 -4.96 -18.01 -14.80
CA LEU D 175 -5.51 -17.34 -13.62
C LEU D 175 -4.43 -16.78 -12.71
N ARG D 176 -3.43 -17.61 -12.38
CA ARG D 176 -2.43 -17.14 -11.45
C ARG D 176 -1.61 -16.02 -12.07
N SER D 177 -1.38 -16.07 -13.39
CA SER D 177 -0.63 -14.98 -14.03
C SER D 177 -1.35 -13.65 -13.90
N ALA D 178 -2.68 -13.69 -14.02
CA ALA D 178 -3.46 -12.46 -13.92
C ALA D 178 -3.52 -11.93 -12.51
N VAL D 179 -3.66 -12.82 -11.53
CA VAL D 179 -3.69 -12.41 -10.13
C VAL D 179 -2.32 -11.84 -9.71
N ILE D 180 -1.24 -12.42 -10.21
CA ILE D 180 0.12 -11.86 -9.97
C ILE D 180 0.28 -10.50 -10.62
N GLY D 181 -0.23 -10.37 -11.86
CA GLY D 181 -0.16 -9.12 -12.62
C GLY D 181 0.88 -9.19 -13.74
N ALA D 182 1.13 -10.38 -14.27
CA ALA D 182 1.98 -10.53 -15.45
C ALA D 182 1.41 -9.71 -16.60
N ASP D 183 2.30 -9.15 -17.44
CA ASP D 183 1.84 -8.29 -18.51
C ASP D 183 1.14 -9.05 -19.62
N VAL D 184 1.65 -10.23 -19.99
CA VAL D 184 1.17 -11.00 -21.13
C VAL D 184 1.19 -12.45 -20.70
N VAL D 185 0.23 -13.25 -21.24
CA VAL D 185 0.38 -14.69 -21.27
C VAL D 185 0.35 -15.10 -22.75
N THR D 186 1.06 -16.17 -23.11
CA THR D 186 0.90 -16.75 -24.42
C THR D 186 0.44 -18.20 -24.25
N VAL D 187 -0.63 -18.57 -24.92
CA VAL D 187 -1.34 -19.82 -24.60
C VAL D 187 -1.56 -20.65 -25.86
N PRO D 188 -1.48 -21.98 -25.76
CA PRO D 188 -1.85 -22.82 -26.89
C PRO D 188 -3.33 -22.67 -27.18
N PHE D 189 -3.69 -23.03 -28.41
CA PHE D 189 -5.05 -22.84 -28.86
C PHE D 189 -6.04 -23.59 -27.97
N ASN D 190 -5.74 -24.85 -27.62
CA ASN D 190 -6.66 -25.60 -26.75
C ASN D 190 -6.92 -24.86 -25.44
N VAL D 191 -5.88 -24.19 -24.89
CA VAL D 191 -6.07 -23.46 -23.64
C VAL D 191 -6.95 -22.24 -23.86
N LEU D 192 -6.67 -21.47 -24.92
CA LEU D 192 -7.43 -20.24 -25.20
C LEU D 192 -8.92 -20.52 -25.25
N LYS D 193 -9.32 -21.50 -26.05
CA LYS D 193 -10.75 -21.73 -26.21
C LYS D 193 -11.41 -22.11 -24.88
N SER D 194 -10.67 -22.83 -24.00
CA SER D 194 -11.24 -23.24 -22.73
C SER D 194 -11.47 -22.08 -21.78
N LEU D 195 -10.76 -20.98 -21.99
CA LEU D 195 -10.83 -19.86 -21.06
C LEU D 195 -12.23 -19.27 -21.03
N MET D 196 -13.01 -19.38 -22.11
CA MET D 196 -14.32 -18.74 -22.08
C MET D 196 -15.39 -19.60 -21.45
N LYS D 197 -15.11 -20.88 -21.21
CA LYS D 197 -16.11 -21.88 -20.95
C LYS D 197 -16.28 -22.13 -19.46
N HIS D 198 -17.55 -22.40 -19.08
CA HIS D 198 -17.83 -22.86 -17.73
C HIS D 198 -19.15 -23.61 -17.78
N PRO D 199 -19.27 -24.76 -17.12
CA PRO D 199 -20.55 -25.49 -17.19
C PRO D 199 -21.75 -24.71 -16.66
N LYS D 200 -21.56 -23.82 -15.71
CA LYS D 200 -22.70 -23.05 -15.20
C LYS D 200 -23.14 -21.97 -16.19
N THR D 201 -22.21 -21.51 -17.03
CA THR D 201 -22.59 -20.63 -18.14
C THR D 201 -23.52 -21.36 -19.07
N ASP D 202 -23.16 -22.60 -19.46
CA ASP D 202 -24.02 -23.38 -20.34
C ASP D 202 -25.36 -23.64 -19.68
N GLU D 203 -25.34 -24.06 -18.41
CA GLU D 203 -26.60 -24.36 -17.74
C GLU D 203 -27.48 -23.12 -17.70
N GLY D 204 -26.88 -21.97 -17.43
CA GLY D 204 -27.65 -20.73 -17.32
C GLY D 204 -28.25 -20.27 -18.64
N LEU D 205 -27.50 -20.40 -19.73
CA LEU D 205 -28.07 -20.12 -21.06
C LEU D 205 -29.34 -20.94 -21.28
N ALA D 206 -29.25 -22.25 -21.03
CA ALA D 206 -30.35 -23.15 -21.30
C ALA D 206 -31.58 -22.76 -20.49
N LYS D 207 -31.41 -22.36 -19.23
CA LYS D 207 -32.56 -21.94 -18.43
C LYS D 207 -33.14 -20.63 -18.97
N PHE D 208 -32.29 -19.66 -19.34
CA PHE D 208 -32.81 -18.41 -19.87
C PHE D 208 -33.55 -18.64 -21.19
N LEU D 209 -33.06 -19.57 -22.03
CA LEU D 209 -33.76 -19.85 -23.29
C LEU D 209 -35.14 -20.41 -22.98
N GLU D 210 -35.23 -21.26 -21.96
CA GLU D 210 -36.52 -21.84 -21.60
C GLU D 210 -37.48 -20.77 -21.10
N ALA D 211 -36.99 -19.88 -20.21
CA ALA D 211 -37.83 -18.79 -19.71
C ALA D 211 -38.27 -17.87 -20.83
N TRP D 212 -37.41 -17.65 -21.80
CA TRP D 212 -37.80 -16.81 -22.92
C TRP D 212 -38.93 -17.44 -23.73
N LYS D 213 -38.85 -18.75 -23.98
CA LYS D 213 -39.90 -19.38 -24.78
C LYS D 213 -41.26 -19.33 -24.10
N LYS D 214 -41.33 -19.19 -22.77
CA LYS D 214 -42.60 -19.05 -22.09
C LYS D 214 -43.32 -17.76 -22.45
N VAL D 215 -42.60 -16.71 -22.84
CA VAL D 215 -43.23 -15.43 -23.16
C VAL D 215 -43.17 -15.11 -24.66
N SER D 216 -42.35 -15.80 -25.43
CA SER D 216 -42.26 -15.56 -26.87
C SER D 216 -42.19 -16.89 -27.59
N PRO D 217 -43.31 -17.33 -28.17
CA PRO D 217 -43.30 -18.64 -28.87
C PRO D 217 -42.27 -18.74 -29.98
N ASP D 218 -42.16 -17.70 -30.82
CA ASP D 218 -41.16 -17.72 -31.89
C ASP D 218 -39.73 -17.77 -31.34
N GLY D 219 -39.45 -16.97 -30.32
CA GLY D 219 -38.11 -16.84 -29.79
C GLY D 219 -37.39 -15.55 -30.14
N LYS D 220 -38.11 -14.47 -30.45
CA LYS D 220 -37.53 -13.22 -30.94
C LYS D 220 -37.93 -12.06 -30.04
N LEU D 221 -36.94 -11.28 -29.59
CA LEU D 221 -37.20 -10.12 -28.76
C LEU D 221 -37.68 -8.96 -29.63
N ILE D 222 -38.89 -8.47 -29.36
CA ILE D 222 -39.50 -7.41 -30.16
C ILE D 222 -39.66 -6.18 -29.27
N LEU D 223 -38.89 -5.14 -29.57
CA LEU D 223 -38.94 -3.88 -28.83
C LEU D 223 -39.11 -2.75 -29.82
N MET E 1 17.90 -3.13 -10.60
CA MET E 1 19.07 -3.35 -9.74
C MET E 1 20.36 -3.25 -10.55
N LYS E 2 21.30 -2.40 -10.13
CA LYS E 2 22.62 -2.36 -10.76
C LYS E 2 23.47 -3.54 -10.31
N ILE E 3 24.35 -4.03 -11.20
CA ILE E 3 25.21 -5.17 -10.91
C ILE E 3 26.67 -4.73 -11.11
N PHE E 4 27.46 -4.80 -10.04
CA PHE E 4 28.90 -4.55 -10.09
C PHE E 4 29.71 -5.84 -9.97
N LEU E 5 30.96 -5.79 -10.48
CA LEU E 5 31.91 -6.90 -10.30
C LEU E 5 32.82 -6.61 -9.11
N ASP E 6 32.99 -7.62 -8.24
CA ASP E 6 33.77 -7.50 -6.99
C ASP E 6 35.11 -8.20 -7.20
N THR E 7 36.01 -7.52 -7.88
CA THR E 7 37.32 -8.13 -8.09
C THR E 7 38.31 -7.04 -8.44
N ALA E 8 39.59 -7.37 -8.28
CA ALA E 8 40.68 -6.56 -8.81
C ALA E 8 41.34 -7.22 -10.02
N ASN E 9 40.75 -8.30 -10.54
CA ASN E 9 41.35 -9.07 -11.62
C ASN E 9 41.02 -8.43 -12.97
N ILE E 10 42.05 -7.98 -13.70
CA ILE E 10 41.80 -7.27 -14.94
C ILE E 10 41.11 -8.18 -15.96
N ASP E 11 41.47 -9.47 -15.96
CA ASP E 11 40.91 -10.39 -16.95
C ASP E 11 39.44 -10.65 -16.69
N GLU E 12 39.07 -10.87 -15.43
CA GLU E 12 37.66 -11.03 -15.09
C GLU E 12 36.86 -9.78 -15.44
N ILE E 13 37.33 -8.61 -14.98
CA ILE E 13 36.63 -7.36 -15.26
C ILE E 13 36.46 -7.16 -16.76
N ARG E 14 37.50 -7.45 -17.54
CA ARG E 14 37.43 -7.23 -18.98
C ARG E 14 36.45 -8.20 -19.63
N THR E 15 36.44 -9.47 -19.18
CA THR E 15 35.49 -10.45 -19.71
C THR E 15 34.06 -10.06 -19.37
N GLY E 16 33.78 -9.74 -18.11
CA GLY E 16 32.44 -9.33 -17.74
C GLY E 16 32.01 -8.03 -18.40
N VAL E 17 32.95 -7.11 -18.62
CA VAL E 17 32.63 -5.89 -19.35
C VAL E 17 32.31 -6.20 -20.82
N ASN E 18 32.89 -7.27 -21.36
CA ASN E 18 32.52 -7.72 -22.70
C ASN E 18 31.08 -8.27 -22.77
N TRP E 19 30.54 -8.80 -21.67
CA TRP E 19 29.20 -9.40 -21.67
C TRP E 19 28.07 -8.36 -21.62
N GLY E 20 28.38 -7.11 -21.28
CA GLY E 20 27.41 -6.04 -21.32
C GLY E 20 26.46 -5.95 -20.14
N ILE E 21 26.71 -6.67 -19.06
CA ILE E 21 25.77 -6.70 -17.94
C ILE E 21 26.42 -6.24 -16.62
N VAL E 22 27.67 -5.77 -16.68
CA VAL E 22 28.42 -5.26 -15.52
C VAL E 22 28.33 -3.74 -15.54
N ASP E 23 27.87 -3.14 -14.44
CA ASP E 23 27.58 -1.72 -14.37
C ASP E 23 28.62 -0.90 -13.63
N GLY E 24 29.66 -1.52 -13.09
CA GLY E 24 30.56 -0.87 -12.16
C GLY E 24 31.40 -1.94 -11.50
N VAL E 25 32.39 -1.48 -10.74
CA VAL E 25 33.33 -2.38 -10.09
C VAL E 25 33.55 -1.92 -8.64
N THR E 26 33.65 -2.89 -7.72
CA THR E 26 34.23 -2.63 -6.39
C THR E 26 35.57 -3.38 -6.20
N THR E 27 36.50 -2.77 -5.43
CA THR E 27 37.75 -3.39 -5.01
C THR E 27 37.94 -3.23 -3.50
N ASN E 28 38.97 -3.88 -2.95
CA ASN E 28 39.35 -3.66 -1.55
C ASN E 28 40.82 -4.03 -1.40
N PRO E 29 41.45 -3.67 -0.27
CA PRO E 29 42.91 -3.91 -0.18
C PRO E 29 43.32 -5.37 -0.31
N THR E 30 42.52 -6.32 0.17
CA THR E 30 42.86 -7.73 -0.01
C THR E 30 42.77 -8.14 -1.47
N LEU E 31 41.68 -7.74 -2.15
CA LEU E 31 41.54 -8.07 -3.57
C LEU E 31 42.70 -7.52 -4.38
N ILE E 32 43.24 -6.35 -4.01
CA ILE E 32 44.23 -5.73 -4.85
C ILE E 32 45.63 -6.28 -4.53
N SER E 33 45.87 -6.63 -3.26
CA SER E 33 47.10 -7.30 -2.88
C SER E 33 47.21 -8.71 -3.48
N LYS E 34 46.11 -9.25 -4.00
CA LYS E 34 46.18 -10.54 -4.67
C LYS E 34 46.63 -10.39 -6.12
N GLU E 35 46.36 -9.24 -6.75
CA GLU E 35 46.79 -9.01 -8.12
C GLU E 35 48.13 -8.32 -8.21
N ALA E 36 48.54 -7.64 -7.15
CA ALA E 36 49.80 -6.91 -7.11
C ALA E 36 50.92 -7.85 -6.62
N VAL E 37 51.12 -8.92 -7.40
CA VAL E 37 52.11 -9.95 -7.13
C VAL E 37 52.92 -10.19 -8.40
N ASN E 38 54.20 -10.52 -8.20
CA ASN E 38 55.09 -10.90 -9.31
C ASN E 38 55.25 -9.78 -10.32
N GLY E 39 55.41 -8.55 -9.83
CA GLY E 39 55.72 -7.43 -10.68
C GLY E 39 54.57 -6.50 -11.01
N LYS E 40 53.38 -6.72 -10.45
CA LYS E 40 52.25 -5.84 -10.66
C LYS E 40 52.16 -4.85 -9.51
N LYS E 41 52.04 -3.58 -9.84
CA LYS E 41 51.92 -2.53 -8.84
C LYS E 41 50.47 -2.09 -8.71
N TYR E 42 50.04 -1.84 -7.48
CA TYR E 42 48.64 -1.50 -7.21
C TYR E 42 48.21 -0.25 -7.96
N GLY E 43 49.10 0.73 -8.12
CA GLY E 43 48.73 1.95 -8.80
C GLY E 43 48.30 1.74 -10.23
N ASP E 44 49.01 0.88 -10.97
CA ASP E 44 48.65 0.61 -12.36
C ASP E 44 47.33 -0.14 -12.43
N ILE E 45 47.14 -1.11 -11.54
CA ILE E 45 45.95 -1.95 -11.54
C ILE E 45 44.68 -1.09 -11.42
N ILE E 46 44.72 -0.09 -10.54
CA ILE E 46 43.56 0.80 -10.32
C ILE E 46 43.28 1.64 -11.57
N ARG E 47 44.32 2.25 -12.13
CA ARG E 47 44.13 3.07 -13.33
C ARG E 47 43.58 2.26 -14.47
N GLU E 48 44.03 1.01 -14.62
CA GLU E 48 43.54 0.20 -15.73
C GLU E 48 42.09 -0.19 -15.51
N ILE E 49 41.70 -0.47 -14.26
CA ILE E 49 40.28 -0.70 -13.97
C ILE E 49 39.46 0.54 -14.28
N LEU E 50 39.89 1.68 -13.75
CA LEU E 50 39.23 2.96 -14.02
C LEU E 50 39.01 3.18 -15.51
N LYS E 51 39.99 2.82 -16.34
CA LYS E 51 39.91 3.10 -17.77
C LYS E 51 38.92 2.17 -18.46
N ILE E 52 38.95 0.87 -18.12
CA ILE E 52 38.09 -0.11 -18.78
C ILE E 52 36.62 0.12 -18.43
N VAL E 53 36.34 0.50 -17.19
CA VAL E 53 34.99 0.49 -16.64
C VAL E 53 34.38 1.89 -16.79
N ASP E 54 33.27 1.99 -17.52
CA ASP E 54 32.61 3.28 -17.63
C ASP E 54 31.96 3.67 -16.31
N GLY E 55 31.33 2.72 -15.64
CA GLY E 55 30.52 2.99 -14.50
C GLY E 55 31.33 3.25 -13.26
N PRO E 56 30.68 3.25 -12.10
CA PRO E 56 31.38 3.62 -10.86
C PRO E 56 32.40 2.56 -10.50
N VAL E 57 33.56 3.00 -9.99
CA VAL E 57 34.52 2.03 -9.47
C VAL E 57 34.99 2.46 -8.09
N SER E 58 34.71 1.64 -7.10
CA SER E 58 35.05 1.96 -5.72
C SER E 58 36.46 1.49 -5.39
N VAL E 59 37.21 2.38 -4.74
CA VAL E 59 38.62 2.19 -4.39
C VAL E 59 38.75 2.60 -2.93
N GLU E 60 39.28 1.70 -2.09
CA GLU E 60 39.30 1.90 -0.64
C GLU E 60 40.54 2.66 -0.17
N VAL E 61 40.31 3.60 0.76
CA VAL E 61 41.45 4.22 1.43
C VAL E 61 42.14 3.18 2.31
N VAL E 62 43.41 3.41 2.57
CA VAL E 62 44.12 2.56 3.50
C VAL E 62 44.40 3.25 4.81
N SER E 63 44.37 4.57 4.86
CA SER E 63 44.51 5.28 6.12
C SER E 63 43.35 4.97 7.05
N THR E 64 43.65 5.01 8.35
CA THR E 64 42.70 4.86 9.45
C THR E 64 42.27 6.19 10.07
N LYS E 65 42.99 7.29 9.80
CA LYS E 65 42.73 8.57 10.45
C LYS E 65 42.07 9.55 9.50
N TYR E 66 41.25 10.45 10.07
CA TYR E 66 40.44 11.37 9.27
C TYR E 66 41.28 12.11 8.24
N GLU E 67 42.40 12.70 8.67
CA GLU E 67 43.22 13.49 7.75
C GLU E 67 43.72 12.65 6.59
N GLY E 68 44.25 11.47 6.91
CA GLY E 68 44.77 10.61 5.86
C GLY E 68 43.69 10.13 4.92
N MET E 69 42.50 9.80 5.45
CA MET E 69 41.43 9.33 4.57
C MET E 69 40.97 10.41 3.62
N VAL E 70 40.83 11.64 4.11
CA VAL E 70 40.38 12.72 3.22
C VAL E 70 41.42 12.99 2.15
N GLU E 71 42.70 12.99 2.53
CA GLU E 71 43.74 13.26 1.54
C GLU E 71 43.83 12.14 0.51
N GLU E 72 43.74 10.88 0.96
CA GLU E 72 43.72 9.76 0.02
C GLU E 72 42.51 9.82 -0.89
N ALA E 73 41.35 10.18 -0.32
CA ALA E 73 40.11 10.25 -1.10
C ALA E 73 40.20 11.29 -2.21
N ARG E 74 40.89 12.40 -1.97
CA ARG E 74 41.04 13.40 -3.01
C ARG E 74 41.95 12.89 -4.13
N LYS E 75 43.02 12.19 -3.75
CA LYS E 75 43.89 11.55 -4.74
C LYS E 75 43.11 10.54 -5.56
N ILE E 76 42.23 9.77 -4.92
CA ILE E 76 41.40 8.80 -5.64
C ILE E 76 40.46 9.52 -6.59
N HIS E 77 39.75 10.53 -6.08
CA HIS E 77 38.87 11.33 -6.92
C HIS E 77 39.60 11.84 -8.14
N GLY E 78 40.76 12.46 -7.94
CA GLY E 78 41.52 13.01 -9.05
C GLY E 78 41.88 12.01 -10.12
N LEU E 79 41.71 10.71 -9.85
CA LEU E 79 42.15 9.73 -10.83
C LEU E 79 41.16 9.56 -11.96
N GLY E 80 39.90 9.93 -11.75
CA GLY E 80 38.86 9.72 -12.73
C GLY E 80 37.51 10.07 -12.13
N ASP E 81 36.62 10.67 -12.91
CA ASP E 81 35.35 11.12 -12.35
C ASP E 81 34.48 9.95 -11.91
N ASN E 82 34.70 8.77 -12.47
CA ASN E 82 33.93 7.60 -12.06
C ASN E 82 34.49 6.93 -10.81
N ALA E 83 35.53 7.47 -10.20
CA ALA E 83 36.05 6.90 -8.96
C ALA E 83 35.11 7.20 -7.79
N VAL E 84 34.88 6.18 -6.96
CA VAL E 84 34.08 6.29 -5.73
C VAL E 84 34.98 5.85 -4.59
N VAL E 85 35.03 6.64 -3.52
CA VAL E 85 35.99 6.41 -2.45
C VAL E 85 35.35 5.55 -1.39
N LYS E 86 35.98 4.42 -1.10
CA LYS E 86 35.43 3.44 -0.15
C LYS E 86 36.06 3.76 1.21
N ILE E 87 35.21 3.94 2.21
CA ILE E 87 35.58 4.44 3.52
C ILE E 87 34.96 3.53 4.57
N PRO E 88 35.69 3.06 5.57
CA PRO E 88 35.11 2.12 6.53
C PRO E 88 34.17 2.80 7.53
N MET E 89 33.25 2.01 8.08
CA MET E 89 32.34 2.49 9.12
C MET E 89 33.08 2.68 10.44
N THR E 90 33.72 3.85 10.62
CA THR E 90 34.32 4.25 11.88
C THR E 90 34.01 5.71 12.17
N GLU E 91 34.34 6.16 13.38
N GLU E 91 34.34 6.14 13.39
CA GLU E 91 34.20 7.57 13.72
CA GLU E 91 34.20 7.54 13.78
C GLU E 91 34.84 8.46 12.66
C GLU E 91 34.92 8.47 12.80
N ASP E 92 36.16 8.30 12.45
N ASP E 92 36.20 8.18 12.50
CA ASP E 92 36.84 9.11 11.46
CA ASP E 92 36.92 8.98 11.50
C ASP E 92 36.29 8.87 10.05
C ASP E 92 36.25 8.87 10.12
N GLY E 93 35.79 7.66 9.77
CA GLY E 93 35.19 7.45 8.46
C GLY E 93 33.92 8.26 8.28
N LEU E 94 33.05 8.28 9.29
CA LEU E 94 31.86 9.12 9.20
C LEU E 94 32.21 10.59 9.04
N ARG E 95 33.22 11.08 9.78
CA ARG E 95 33.64 12.47 9.59
C ARG E 95 34.20 12.69 8.19
N ALA E 96 34.98 11.75 7.66
CA ALA E 96 35.50 11.92 6.30
C ALA E 96 34.37 11.91 5.26
N ILE E 97 33.40 11.03 5.44
CA ILE E 97 32.31 10.96 4.47
C ILE E 97 31.58 12.30 4.43
N LYS E 98 31.27 12.84 5.61
CA LYS E 98 30.60 14.13 5.64
C LYS E 98 31.43 15.20 4.92
N THR E 99 32.73 15.27 5.19
CA THR E 99 33.56 16.27 4.50
C THR E 99 33.59 16.02 3.00
N LEU E 100 33.77 14.77 2.59
CA LEU E 100 33.88 14.48 1.18
C LEU E 100 32.57 14.72 0.46
N SER E 101 31.44 14.51 1.14
N SER E 101 31.44 14.47 1.13
CA SER E 101 30.14 14.79 0.54
CA SER E 101 30.15 14.80 0.55
C SER E 101 29.92 16.28 0.34
C SER E 101 30.03 16.29 0.27
N SER E 102 30.48 17.12 1.22
CA SER E 102 30.46 18.56 1.01
C SER E 102 31.32 18.98 -0.16
N GLU E 103 32.32 18.18 -0.52
CA GLU E 103 33.21 18.46 -1.63
C GLU E 103 32.75 17.78 -2.92
N HIS E 104 31.56 17.17 -2.90
CA HIS E 104 30.98 16.49 -4.07
C HIS E 104 31.89 15.37 -4.55
N ILE E 105 32.43 14.59 -3.62
CA ILE E 105 33.24 13.41 -3.91
C ILE E 105 32.41 12.21 -3.50
N ASN E 106 32.13 11.33 -4.46
CA ASN E 106 31.26 10.18 -4.20
C ASN E 106 31.92 9.18 -3.27
N THR E 107 31.10 8.58 -2.39
CA THR E 107 31.60 7.80 -1.27
C THR E 107 30.82 6.51 -1.15
N ASN E 108 31.48 5.51 -0.58
CA ASN E 108 30.87 4.18 -0.42
C ASN E 108 31.30 3.69 0.95
N CYS E 109 30.39 3.59 1.90
CA CYS E 109 30.80 3.22 3.26
C CYS E 109 30.81 1.69 3.35
N THR E 110 31.91 1.13 3.83
CA THR E 110 32.08 -0.33 3.79
C THR E 110 32.22 -0.89 5.22
N LEU E 111 32.32 -2.23 5.34
CA LEU E 111 32.37 -2.90 6.65
C LEU E 111 31.18 -2.56 7.54
N VAL E 112 29.98 -2.66 6.93
CA VAL E 112 28.70 -2.38 7.59
C VAL E 112 28.05 -3.73 7.87
N PHE E 113 27.64 -3.96 9.12
CA PHE E 113 27.15 -5.29 9.51
C PHE E 113 25.79 -5.26 10.21
N ASN E 114 25.23 -4.12 10.45
CA ASN E 114 23.82 -4.04 10.90
C ASN E 114 23.10 -2.84 10.31
N PRO E 115 21.79 -2.72 10.50
CA PRO E 115 21.06 -1.62 9.85
C PRO E 115 21.33 -0.25 10.44
N ILE E 116 21.67 -0.16 11.72
CA ILE E 116 21.86 1.17 12.27
C ILE E 116 23.21 1.74 11.81
N GLN E 117 24.23 0.88 11.61
CA GLN E 117 25.47 1.41 10.98
C GLN E 117 25.16 1.95 9.59
N ALA E 118 24.31 1.24 8.84
CA ALA E 118 23.96 1.73 7.51
C ALA E 118 23.27 3.08 7.58
N LEU E 119 22.36 3.24 8.56
CA LEU E 119 21.66 4.51 8.72
C LEU E 119 22.64 5.64 9.06
N LEU E 120 23.59 5.40 9.96
CA LEU E 120 24.58 6.44 10.29
C LEU E 120 25.37 6.87 9.06
N ALA E 121 25.73 5.91 8.20
CA ALA E 121 26.47 6.27 7.00
C ALA E 121 25.61 7.15 6.09
N ALA E 122 24.33 6.80 5.94
CA ALA E 122 23.43 7.62 5.14
C ALA E 122 23.29 9.03 5.73
N LYS E 123 23.27 9.12 7.06
CA LYS E 123 23.12 10.43 7.69
C LYS E 123 24.35 11.27 7.47
N ALA E 124 25.51 10.63 7.29
CA ALA E 124 26.72 11.38 6.98
C ALA E 124 26.80 11.79 5.51
N GLY E 125 25.86 11.35 4.70
CA GLY E 125 25.74 11.75 3.31
C GLY E 125 26.33 10.79 2.31
N VAL E 126 26.58 9.54 2.70
CA VAL E 126 27.34 8.65 1.84
C VAL E 126 26.54 8.28 0.58
N THR E 127 27.24 8.08 -0.54
CA THR E 127 26.56 7.80 -1.80
C THR E 127 26.04 6.36 -1.83
N TYR E 128 26.86 5.43 -1.35
CA TYR E 128 26.53 4.01 -1.30
C TYR E 128 26.83 3.51 0.09
N VAL E 129 26.07 2.52 0.57
CA VAL E 129 26.42 1.82 1.80
C VAL E 129 26.52 0.33 1.47
N SER E 130 27.58 -0.34 1.95
CA SER E 130 27.88 -1.74 1.59
C SER E 130 27.79 -2.66 2.80
N PRO E 131 26.63 -3.23 3.12
CA PRO E 131 26.56 -4.26 4.15
C PRO E 131 27.10 -5.57 3.59
N PHE E 132 27.79 -6.33 4.46
CA PHE E 132 28.51 -7.54 4.04
C PHE E 132 27.69 -8.79 4.39
N VAL E 133 26.93 -9.31 3.43
CA VAL E 133 26.04 -10.43 3.77
C VAL E 133 26.81 -11.72 4.01
N GLY E 134 27.83 -12.03 3.19
CA GLY E 134 28.53 -13.31 3.36
C GLY E 134 29.22 -13.43 4.71
N ARG E 135 29.81 -12.33 5.20
CA ARG E 135 30.51 -12.40 6.46
C ARG E 135 29.54 -12.56 7.63
N LEU E 136 28.28 -12.08 7.47
CA LEU E 136 27.26 -12.39 8.48
C LEU E 136 26.86 -13.86 8.40
N ASP E 137 26.64 -14.37 7.18
CA ASP E 137 26.41 -15.82 7.04
C ASP E 137 27.51 -16.61 7.76
N ASP E 138 28.78 -16.19 7.58
CA ASP E 138 29.90 -16.90 8.19
C ASP E 138 29.75 -17.08 9.70
N ILE E 139 29.15 -16.12 10.39
CA ILE E 139 29.07 -16.15 11.85
C ILE E 139 27.67 -16.60 12.30
N GLY E 140 26.92 -17.23 11.41
CA GLY E 140 25.67 -17.88 11.82
C GLY E 140 24.46 -16.97 11.85
N GLU E 141 24.49 -15.86 11.14
CA GLU E 141 23.36 -14.95 11.05
C GLU E 141 22.99 -14.80 9.58
N ASP E 142 21.71 -14.90 9.24
CA ASP E 142 21.34 -14.80 7.81
C ASP E 142 21.56 -13.36 7.37
N GLY E 143 22.61 -13.09 6.59
CA GLY E 143 22.92 -11.69 6.29
C GLY E 143 21.88 -10.98 5.46
N MET E 144 21.04 -11.72 4.71
CA MET E 144 20.06 -11.01 3.91
C MET E 144 19.02 -10.32 4.76
N GLN E 145 18.82 -10.73 6.01
N GLN E 145 18.84 -10.74 6.01
CA GLN E 145 17.84 -10.05 6.83
CA GLN E 145 17.85 -10.08 6.85
C GLN E 145 18.26 -8.61 7.13
C GLN E 145 18.26 -8.63 7.17
N ILE E 146 19.56 -8.36 7.22
CA ILE E 146 20.04 -6.98 7.43
C ILE E 146 19.74 -6.12 6.19
N ILE E 147 19.88 -6.69 5.01
CA ILE E 147 19.50 -5.96 3.80
C ILE E 147 18.01 -5.57 3.83
N ASP E 148 17.14 -6.52 4.22
CA ASP E 148 15.72 -6.25 4.26
C ASP E 148 15.42 -5.08 5.19
N MET E 149 16.05 -5.08 6.38
CA MET E 149 15.76 -4.00 7.33
C MET E 149 16.27 -2.67 6.82
N ILE E 150 17.46 -2.65 6.19
CA ILE E 150 18.01 -1.40 5.65
C ILE E 150 17.09 -0.88 4.57
N ARG E 151 16.56 -1.78 3.72
CA ARG E 151 15.61 -1.32 2.71
C ARG E 151 14.39 -0.65 3.34
N THR E 152 13.85 -1.27 4.41
CA THR E 152 12.67 -0.71 5.05
C THR E 152 13.00 0.65 5.67
N ILE E 153 14.11 0.73 6.38
CA ILE E 153 14.50 1.99 7.02
C ILE E 153 14.71 3.08 5.98
N PHE E 154 15.45 2.78 4.90
CA PHE E 154 15.68 3.80 3.88
C PHE E 154 14.37 4.22 3.22
N ASN E 155 13.45 3.28 3.01
CA ASN E 155 12.16 3.66 2.46
C ASN E 155 11.42 4.59 3.41
N ASN E 156 11.51 4.32 4.72
CA ASN E 156 10.74 5.11 5.69
C ASN E 156 11.15 6.57 5.62
N TYR E 157 12.43 6.84 5.41
CA TYR E 157 12.95 8.20 5.49
C TYR E 157 13.33 8.79 4.12
N ILE E 158 12.93 8.13 3.03
CA ILE E 158 13.21 8.52 1.65
C ILE E 158 14.71 8.80 1.51
N ILE E 159 15.51 7.88 2.01
CA ILE E 159 16.96 8.06 2.02
C ILE E 159 17.51 7.81 0.61
N LYS E 160 18.39 8.72 0.16
CA LYS E 160 18.89 8.60 -1.21
C LYS E 160 20.19 7.80 -1.33
N THR E 161 20.84 7.51 -0.21
CA THR E 161 21.95 6.54 -0.21
C THR E 161 21.53 5.23 -0.85
N GLN E 162 22.37 4.72 -1.75
CA GLN E 162 22.11 3.43 -2.39
C GLN E 162 22.62 2.27 -1.56
N ILE E 163 21.80 1.20 -1.48
CA ILE E 163 22.20 -0.01 -0.80
C ILE E 163 23.01 -0.83 -1.79
N LEU E 164 24.24 -1.15 -1.43
CA LEU E 164 25.17 -1.87 -2.31
C LEU E 164 25.48 -3.16 -1.57
N VAL E 165 24.81 -4.26 -1.94
CA VAL E 165 25.01 -5.49 -1.19
C VAL E 165 26.38 -6.06 -1.55
N ALA E 166 27.19 -6.27 -0.53
CA ALA E 166 28.54 -6.77 -0.80
C ALA E 166 28.79 -8.08 -0.06
N SER E 167 30.03 -8.61 -0.18
CA SER E 167 30.31 -9.94 0.39
C SER E 167 29.30 -10.97 -0.12
N ILE E 168 29.03 -10.93 -1.42
CA ILE E 168 28.09 -11.85 -2.03
C ILE E 168 28.79 -13.17 -2.34
N ARG E 169 28.14 -14.30 -1.99
CA ARG E 169 28.80 -15.61 -2.13
C ARG E 169 28.10 -16.57 -3.07
N ASN E 170 26.87 -16.29 -3.47
CA ASN E 170 26.09 -17.27 -4.24
C ASN E 170 24.94 -16.55 -4.94
N PRO E 171 24.26 -17.23 -5.87
CA PRO E 171 23.24 -16.53 -6.66
C PRO E 171 21.98 -16.23 -5.89
N ILE E 172 21.79 -16.83 -4.72
CA ILE E 172 20.58 -16.59 -3.96
C ILE E 172 20.73 -15.30 -3.16
N HIS E 173 21.96 -14.93 -2.77
CA HIS E 173 22.17 -13.56 -2.29
C HIS E 173 21.70 -12.54 -3.31
N VAL E 174 22.00 -12.81 -4.58
CA VAL E 174 21.59 -11.93 -5.67
C VAL E 174 20.06 -11.93 -5.84
N LEU E 175 19.45 -13.13 -5.93
CA LEU E 175 17.98 -13.21 -6.05
C LEU E 175 17.31 -12.47 -4.91
N ARG E 176 17.73 -12.74 -3.66
CA ARG E 176 17.02 -12.13 -2.54
C ARG E 176 17.22 -10.62 -2.50
N SER E 177 18.41 -10.14 -2.89
CA SER E 177 18.63 -8.70 -2.97
C SER E 177 17.67 -8.05 -3.95
N ALA E 178 17.43 -8.69 -5.10
CA ALA E 178 16.53 -8.11 -6.08
C ALA E 178 15.08 -8.14 -5.61
N VAL E 179 14.66 -9.20 -4.88
CA VAL E 179 13.29 -9.27 -4.38
C VAL E 179 13.06 -8.23 -3.28
N ILE E 180 14.08 -8.01 -2.43
CA ILE E 180 14.01 -6.96 -1.41
C ILE E 180 13.98 -5.59 -2.05
N GLY E 181 14.74 -5.40 -3.12
CA GLY E 181 14.83 -4.11 -3.78
C GLY E 181 16.11 -3.34 -3.51
N ALA E 182 17.21 -4.04 -3.19
CA ALA E 182 18.50 -3.34 -3.02
C ALA E 182 18.89 -2.65 -4.31
N ASP E 183 19.53 -1.48 -4.18
CA ASP E 183 19.87 -0.69 -5.37
C ASP E 183 20.95 -1.35 -6.22
N VAL E 184 21.94 -1.98 -5.57
CA VAL E 184 23.10 -2.53 -6.27
C VAL E 184 23.49 -3.82 -5.57
N VAL E 185 24.04 -4.75 -6.35
CA VAL E 185 24.80 -5.87 -5.80
C VAL E 185 26.18 -5.83 -6.44
N THR E 186 27.21 -6.24 -5.70
CA THR E 186 28.53 -6.41 -6.30
C THR E 186 28.95 -7.86 -6.15
N VAL E 187 29.40 -8.49 -7.24
CA VAL E 187 29.54 -9.95 -7.20
C VAL E 187 30.91 -10.40 -7.70
N PRO E 188 31.45 -11.49 -7.16
CA PRO E 188 32.68 -12.08 -7.71
C PRO E 188 32.38 -12.75 -9.05
N PHE E 189 33.45 -12.99 -9.82
CA PHE E 189 33.31 -13.37 -11.22
C PHE E 189 32.69 -14.74 -11.37
N ASN E 190 33.08 -15.69 -10.51
N ASN E 190 33.03 -15.68 -10.48
CA ASN E 190 32.40 -16.99 -10.50
CA ASN E 190 32.41 -17.00 -10.56
C ASN E 190 30.90 -16.79 -10.41
C ASN E 190 30.90 -16.95 -10.26
N VAL E 191 30.46 -15.95 -9.49
CA VAL E 191 29.01 -15.74 -9.30
C VAL E 191 28.40 -15.09 -10.53
N LEU E 192 29.06 -14.05 -11.07
CA LEU E 192 28.48 -13.29 -12.16
C LEU E 192 28.15 -14.17 -13.37
N LYS E 193 29.11 -14.99 -13.78
CA LYS E 193 28.90 -15.84 -14.94
C LYS E 193 27.77 -16.82 -14.68
N SER E 194 27.67 -17.33 -13.45
CA SER E 194 26.63 -18.32 -13.19
C SER E 194 25.24 -17.72 -13.31
N LEU E 195 25.08 -16.40 -13.14
CA LEU E 195 23.73 -15.84 -13.17
C LEU E 195 23.03 -16.02 -14.50
N MET E 196 23.75 -16.17 -15.61
CA MET E 196 23.05 -16.31 -16.88
C MET E 196 22.58 -17.74 -17.16
N LYS E 197 22.98 -18.71 -16.36
CA LYS E 197 22.91 -20.11 -16.76
C LYS E 197 21.78 -20.87 -16.06
N HIS E 198 21.24 -21.85 -16.79
CA HIS E 198 20.25 -22.74 -16.19
C HIS E 198 20.23 -24.00 -17.03
N PRO E 199 20.18 -25.19 -16.43
CA PRO E 199 20.24 -26.41 -17.25
C PRO E 199 19.04 -26.53 -18.21
N LYS E 200 17.90 -25.90 -17.89
CA LYS E 200 16.76 -26.00 -18.81
C LYS E 200 16.96 -25.05 -20.00
N THR E 201 17.73 -23.97 -19.82
CA THR E 201 18.12 -23.17 -20.97
C THR E 201 18.98 -24.03 -21.91
N ASP E 202 20.00 -24.69 -21.37
CA ASP E 202 20.86 -25.52 -22.20
C ASP E 202 20.04 -26.59 -22.92
N GLU E 203 19.12 -27.22 -22.21
CA GLU E 203 18.35 -28.31 -22.80
C GLU E 203 17.43 -27.78 -23.90
N GLY E 204 16.84 -26.62 -23.67
CA GLY E 204 15.94 -26.03 -24.65
C GLY E 204 16.64 -25.59 -25.92
N LEU E 205 17.87 -25.10 -25.82
CA LEU E 205 18.62 -24.73 -27.02
C LEU E 205 18.84 -25.95 -27.91
N ALA E 206 19.24 -27.07 -27.31
CA ALA E 206 19.51 -28.26 -28.09
C ALA E 206 18.24 -28.77 -28.79
N LYS E 207 17.09 -28.64 -28.13
CA LYS E 207 15.84 -29.15 -28.70
C LYS E 207 15.37 -28.27 -29.86
N PHE E 208 15.52 -26.95 -29.73
CA PHE E 208 15.23 -26.04 -30.82
C PHE E 208 16.15 -26.28 -32.01
N LEU E 209 17.45 -26.50 -31.72
CA LEU E 209 18.41 -26.89 -32.75
C LEU E 209 17.95 -28.12 -33.52
N GLU E 210 17.60 -29.18 -32.79
CA GLU E 210 17.15 -30.42 -33.43
C GLU E 210 15.90 -30.18 -34.27
N ALA E 211 14.94 -29.42 -33.76
CA ALA E 211 13.71 -29.14 -34.50
C ALA E 211 14.00 -28.32 -35.76
N TRP E 212 14.91 -27.36 -35.65
CA TRP E 212 15.25 -26.55 -36.82
C TRP E 212 15.95 -27.38 -37.89
N LYS E 213 16.69 -28.42 -37.51
CA LYS E 213 17.38 -29.25 -38.49
C LYS E 213 16.43 -30.13 -39.29
N LYS E 214 15.20 -30.31 -38.84
CA LYS E 214 14.20 -31.01 -39.66
C LYS E 214 13.64 -30.12 -40.76
N VAL E 215 13.90 -28.81 -40.71
CA VAL E 215 13.32 -27.87 -41.66
C VAL E 215 14.36 -27.23 -42.57
N SER E 216 15.63 -27.16 -42.17
CA SER E 216 16.67 -26.56 -42.99
C SER E 216 17.92 -27.44 -43.01
C1 F6R F . 11.91 13.94 26.64
C2 F6R F . 13.08 14.28 27.56
C3 F6R F . 14.10 13.20 27.85
C4 F6R F . 13.50 12.12 28.74
C5 F6R F . 14.40 10.91 28.94
C6 F6R F . 13.84 9.93 29.98
O1 F6R F . 12.50 13.78 25.35
O3 F6R F . 15.18 13.80 28.55
O4 F6R F . 13.26 12.72 30.02
O5 F6R F . 14.76 10.22 27.74
O6 F6R F . 14.81 8.90 30.20
P F6R F . 14.87 8.02 31.55
O1P F6R F . 13.64 7.12 31.54
O2P F6R F . 16.00 7.06 31.41
O3P F6R F . 14.82 9.04 32.64
C1 GOL G . 7.59 -8.37 24.04
O1 GOL G . 8.02 -8.09 22.69
C2 GOL G . 6.22 -9.11 24.14
O2 GOL G . 5.06 -8.24 23.96
C3 GOL G . 6.31 -10.29 23.10
O3 GOL G . 6.42 -11.53 23.79
C1 GOL H . 13.87 -6.24 24.73
O1 GOL H . 14.13 -7.40 23.94
C2 GOL H . 14.53 -4.99 24.08
O2 GOL H . 14.43 -3.84 24.88
C3 GOL H . 13.90 -4.86 22.66
O3 GOL H . 13.24 -3.61 22.58
C ACT I . 17.99 10.26 7.43
O ACT I . 16.82 10.67 7.16
OXT ACT I . 18.37 9.62 8.45
CH3 ACT I . 19.11 10.62 6.37
C1 F6R J . -24.61 9.04 18.30
C1 F6R J . -24.33 9.25 18.38
C2 F6R J . -25.11 9.69 19.58
C3 F6R J . -24.63 9.22 20.93
C4 F6R J . -25.11 7.76 21.14
C5 F6R J . -24.47 7.13 22.38
C6 F6R J . -24.89 5.66 22.61
O1 F6R J . -23.35 9.67 17.99
O1 F6R J . -25.19 8.46 17.55
O3 F6R J . -25.19 10.08 21.96
O4 F6R J . -26.55 7.72 21.26
O5 F6R J . -23.04 7.20 22.24
O6 F6R J . -24.36 5.28 23.87
P F6R J . -25.02 4.24 24.90
O1P F6R J . -24.06 4.19 26.05
O2P F6R J . -24.87 2.90 24.19
O3P F6R J . -26.44 4.70 25.10
C1 GOL K . -11.84 -3.36 24.16
O1 GOL K . -12.51 -3.25 22.94
C2 GOL K . -12.76 -4.12 25.13
O2 GOL K . -12.43 -3.92 26.47
C3 GOL K . -12.69 -5.61 24.69
O3 GOL K . -11.55 -6.20 25.29
C ACT L . -16.19 -1.47 29.63
O ACT L . -15.08 -1.56 29.93
OXT ACT L . -16.68 -1.73 28.56
CH3 ACT L . -17.14 -0.80 30.72
C1 F6R M . -26.56 -10.03 -14.20
C2 F6R M . -28.09 -9.90 -14.11
C3 F6R M . -28.80 -10.49 -12.95
C4 F6R M . -28.48 -11.97 -12.84
C5 F6R M . -29.03 -12.52 -11.51
C6 F6R M . -28.75 -14.01 -11.30
O1 F6R M . -26.17 -8.89 -13.43
O3 F6R M . -30.21 -10.33 -13.26
O4 F6R M . -29.11 -12.73 -13.92
O5 F6R M . -28.52 -11.80 -10.39
O6 F6R M . -29.30 -14.40 -10.03
P F6R M . -29.91 -15.86 -9.79
O1P F6R M . -30.79 -16.17 -10.95
O2P F6R M . -28.65 -16.74 -9.77
O3P F6R M . -30.51 -15.92 -8.43
C1 GOL N . -16.65 -9.44 5.95
O1 GOL N . -15.34 -9.43 5.35
C2 GOL N . -16.78 -10.76 6.86
O2 GOL N . -17.27 -10.52 8.13
C3 GOL N . -17.61 -11.76 6.10
O3 GOL N . -17.06 -13.13 6.25
C1 GOL O . -21.81 -15.83 3.03
O1 GOL O . -20.83 -15.74 1.97
C2 GOL O . -22.55 -17.20 3.00
O2 GOL O . -23.66 -17.26 3.86
C3 GOL O . -21.46 -18.30 3.24
O3 GOL O . -21.01 -18.32 4.61
C ACT P . -28.33 -17.96 1.45
O ACT P . -28.14 -17.61 2.57
OXT ACT P . -27.51 -18.14 0.62
CH3 ACT P . -29.89 -18.19 1.03
C1 F6R Q . 8.64 -17.40 -26.10
C2 F6R Q . 8.20 -18.23 -27.29
C3 F6R Q . 7.21 -19.35 -27.01
C4 F6R Q . 7.82 -20.50 -26.19
C5 F6R Q . 6.79 -21.58 -25.79
C6 F6R Q . 7.41 -22.76 -24.99
O1 F6R Q . 7.44 -16.74 -25.70
O3 F6R Q . 6.80 -19.89 -28.25
O4 F6R Q . 8.81 -21.15 -26.97
O5 F6R Q . 5.70 -21.00 -25.01
O6 F6R Q . 6.34 -23.70 -24.68
P F6R Q . 6.68 -25.30 -24.51
O1P F6R Q . 5.36 -25.95 -24.35
O2P F6R Q . 7.51 -25.62 -25.72
O3P F6R Q . 7.45 -25.41 -23.22
C1 GOL R . -0.21 -26.40 -10.41
O1 GOL R . -1.18 -27.12 -9.70
C2 GOL R . -0.89 -25.95 -11.72
O2 GOL R . -1.96 -26.81 -12.10
C3 GOL R . -1.35 -24.51 -11.44
O3 GOL R . -0.19 -23.67 -11.44
C1 F6R S . 32.53 -2.81 -0.49
C2 F6R S . 33.75 -3.44 -1.12
C3 F6R S . 33.81 -4.90 -1.47
C4 F6R S . 33.83 -5.79 -0.22
C5 F6R S . 33.69 -7.27 -0.56
C6 F6R S . 33.70 -8.16 0.69
O1 F6R S . 31.51 -2.89 -1.50
O3 F6R S . 35.04 -5.11 -2.21
O4 F6R S . 35.08 -5.64 0.48
O5 F6R S . 32.44 -7.47 -1.29
O6 F6R S . 33.84 -9.51 0.29
P F6R S . 34.33 -10.73 1.22
O1P F6R S . 33.53 -10.86 2.47
O2P F6R S . 34.13 -11.96 0.38
O3P F6R S . 35.75 -10.27 1.48
C1 GOL T . 13.36 -11.61 0.53
O1 GOL T . 13.87 -11.68 -0.77
C2 GOL T . 14.42 -12.25 1.46
O2 GOL T . 14.38 -13.63 1.32
C3 GOL T . 14.04 -11.78 2.88
O3 GOL T . 15.23 -11.74 3.62
C1 GOL U . 21.26 -19.38 2.78
O1 GOL U . 20.42 -20.40 2.30
C2 GOL U . 21.87 -18.60 1.57
O2 GOL U . 23.06 -17.91 1.92
C3 GOL U . 20.73 -17.72 1.02
O3 GOL U . 20.86 -16.38 1.49
C ACT V . 27.84 -19.80 -0.27
O ACT V . 27.41 -19.14 0.64
OXT ACT V . 27.18 -20.41 -1.07
CH3 ACT V . 29.46 -19.94 -0.40
#